data_4GUZ
#
_entry.id   4GUZ
#
_cell.length_a   78.669
_cell.length_b   78.763
_cell.length_c   175.976
_cell.angle_alpha   90.00
_cell.angle_beta   89.99
_cell.angle_gamma   90.00
#
_symmetry.space_group_name_H-M   'C 1 2 1'
#
loop_
_entity.id
_entity.type
_entity.pdbx_description
1 polymer 'Probable arylamine n-acetyl transferase'
2 water water
#
_entity_poly.entity_id   1
_entity_poly.type   'polypeptide(L)'
_entity_poly.pdbx_seq_one_letter_code
;VPRGSHMWNGDELQLDEYLAFIGFDGDRSPTLETLRRLQRGHVLNIKWENLDAVLHKHVALDIPAVQAKLLRSPRGGYCY
EHVALFGAVLQRLGFDFYGIQGRVQMGATTIRPATHGMLVVRLAAEQWLCDVGFGTSPLAPIRLVDEAVVADESWTYRLR
RGEVTPGADGWTLSEAAGDGSEPGWLSRHTFVLEPQYPIDYRAASYFVASSPHSPFSTRAFVQQISPDHAYILDHRELHE
IQPGVGRKTRQLTPAEVLATLREIFGIELGADDSTLLLERLAEQ
;
_entity_poly.pdbx_strand_id   A,B,C,D
#
# COMPACT_ATOMS: atom_id res chain seq x y z
N VAL A 1 -34.29 8.50 -5.30
CA VAL A 1 -33.42 7.57 -6.01
C VAL A 1 -32.00 7.63 -5.40
N PRO A 2 -31.43 6.48 -4.93
CA PRO A 2 -30.09 6.51 -4.30
C PRO A 2 -28.99 6.97 -5.24
N ARG A 3 -28.02 7.75 -4.70
CA ARG A 3 -26.88 8.26 -5.46
C ARG A 3 -25.91 7.12 -5.77
N GLY A 4 -25.41 7.10 -7.00
CA GLY A 4 -24.42 6.11 -7.45
C GLY A 4 -23.08 6.30 -6.77
N SER A 5 -22.12 5.41 -7.08
CA SER A 5 -20.79 5.50 -6.47
C SER A 5 -19.95 6.59 -7.14
N HIS A 6 -20.18 6.88 -8.46
CA HIS A 6 -19.41 7.86 -9.25
C HIS A 6 -17.89 7.49 -9.17
N MET A 7 -17.59 6.17 -9.20
CA MET A 7 -16.31 5.47 -9.02
C MET A 7 -15.09 6.25 -9.52
N TRP A 8 -15.07 6.62 -10.80
CA TRP A 8 -13.94 7.29 -11.41
C TRP A 8 -14.10 8.81 -11.48
N ASN A 9 -15.18 9.35 -10.89
CA ASN A 9 -15.50 10.79 -10.87
C ASN A 9 -15.46 11.46 -12.25
N GLY A 10 -16.08 10.82 -13.24
CA GLY A 10 -16.19 11.33 -14.59
C GLY A 10 -16.82 12.72 -14.68
N ASP A 11 -17.86 12.95 -13.87
CA ASP A 11 -18.63 14.19 -13.83
C ASP A 11 -17.81 15.39 -13.34
N GLU A 12 -16.77 15.17 -12.53
CA GLU A 12 -15.92 16.26 -11.99
C GLU A 12 -14.84 16.70 -12.99
N LEU A 13 -14.66 15.94 -14.08
CA LEU A 13 -13.68 16.26 -15.09
C LEU A 13 -14.16 17.38 -16.01
N GLN A 14 -13.25 18.29 -16.37
CA GLN A 14 -13.49 19.34 -17.36
C GLN A 14 -13.17 18.69 -18.71
N LEU A 15 -14.15 17.95 -19.26
CA LEU A 15 -14.03 17.15 -20.48
C LEU A 15 -13.47 17.92 -21.69
N ASP A 16 -14.04 19.10 -22.05
CA ASP A 16 -13.59 19.88 -23.23
C ASP A 16 -12.17 20.39 -23.04
N GLU A 17 -11.85 20.83 -21.82
CA GLU A 17 -10.54 21.36 -21.46
C GLU A 17 -9.46 20.27 -21.59
N TYR A 18 -9.77 19.06 -21.11
CA TYR A 18 -8.84 17.93 -21.18
C TYR A 18 -8.58 17.58 -22.65
N LEU A 19 -9.65 17.48 -23.46
CA LEU A 19 -9.52 17.07 -24.87
C LEU A 19 -8.76 18.11 -25.70
N ALA A 20 -8.94 19.40 -25.40
CA ALA A 20 -8.21 20.47 -26.10
C ALA A 20 -6.72 20.38 -25.75
N PHE A 21 -6.41 20.11 -24.46
CA PHE A 21 -5.04 19.99 -23.95
C PHE A 21 -4.27 18.84 -24.63
N ILE A 22 -4.93 17.69 -24.80
CA ILE A 22 -4.30 16.50 -25.39
C ILE A 22 -4.42 16.53 -26.93
N GLY A 23 -4.96 17.63 -27.47
CA GLY A 23 -5.10 17.82 -28.90
C GLY A 23 -6.06 16.86 -29.56
N PHE A 24 -7.10 16.46 -28.81
CA PHE A 24 -8.13 15.56 -29.33
C PHE A 24 -9.24 16.37 -29.99
N ASP A 25 -9.69 15.92 -31.16
CA ASP A 25 -10.82 16.50 -31.89
C ASP A 25 -11.54 15.37 -32.64
N GLY A 26 -12.75 15.66 -33.10
CA GLY A 26 -13.55 14.72 -33.86
C GLY A 26 -14.49 13.90 -33.00
N ASP A 27 -14.85 12.72 -33.53
CA ASP A 27 -15.78 11.76 -32.96
C ASP A 27 -15.36 11.35 -31.55
N ARG A 28 -16.30 11.45 -30.60
CA ARG A 28 -16.09 11.15 -29.17
C ARG A 28 -16.77 9.83 -28.77
N SER A 29 -17.34 9.09 -29.76
CA SER A 29 -18.02 7.80 -29.52
C SER A 29 -17.07 6.78 -28.85
N PRO A 30 -17.54 5.92 -27.91
CA PRO A 30 -16.63 4.97 -27.24
C PRO A 30 -16.22 3.78 -28.12
N THR A 31 -15.25 4.05 -29.03
CA THR A 31 -14.70 3.08 -29.99
C THR A 31 -13.17 3.03 -29.93
N LEU A 32 -12.57 2.04 -30.65
CA LEU A 32 -11.12 1.86 -30.72
C LEU A 32 -10.42 3.05 -31.37
N GLU A 33 -11.00 3.63 -32.44
CA GLU A 33 -10.32 4.76 -33.08
C GLU A 33 -10.26 5.96 -32.13
N THR A 34 -11.31 6.16 -31.32
CA THR A 34 -11.34 7.23 -30.32
C THR A 34 -10.29 6.93 -29.23
N LEU A 35 -10.26 5.69 -28.72
CA LEU A 35 -9.31 5.26 -27.69
C LEU A 35 -7.87 5.48 -28.14
N ARG A 36 -7.57 5.15 -29.42
CA ARG A 36 -6.25 5.34 -29.99
C ARG A 36 -5.85 6.81 -29.96
N ARG A 37 -6.77 7.69 -30.36
CA ARG A 37 -6.48 9.13 -30.37
C ARG A 37 -6.35 9.68 -28.94
N LEU A 38 -7.12 9.12 -27.99
CA LEU A 38 -7.09 9.54 -26.58
C LEU A 38 -5.76 9.18 -25.94
N GLN A 39 -5.33 7.93 -26.10
CA GLN A 39 -4.06 7.50 -25.52
C GLN A 39 -2.87 8.25 -26.16
N ARG A 40 -2.80 8.37 -27.50
CA ARG A 40 -1.69 9.06 -28.14
C ARG A 40 -1.56 10.50 -27.63
N GLY A 41 -2.68 11.23 -27.60
CA GLY A 41 -2.70 12.61 -27.13
C GLY A 41 -2.33 12.75 -25.66
N HIS A 42 -2.84 11.84 -24.83
CA HIS A 42 -2.57 11.86 -23.37
C HIS A 42 -1.08 11.65 -23.11
N VAL A 43 -0.53 10.58 -23.69
CA VAL A 43 0.88 10.19 -23.50
C VAL A 43 1.81 11.32 -23.99
N LEU A 44 1.49 11.93 -25.14
CA LEU A 44 2.33 12.99 -25.69
C LEU A 44 2.26 14.33 -24.94
N ASN A 45 1.09 14.69 -24.36
CA ASN A 45 0.94 16.02 -23.76
C ASN A 45 0.88 16.07 -22.23
N ILE A 46 0.31 15.06 -21.55
CA ILE A 46 0.27 15.10 -20.07
C ILE A 46 1.68 14.82 -19.59
N LYS A 47 2.22 15.72 -18.75
CA LYS A 47 3.61 15.63 -18.31
C LYS A 47 3.77 14.56 -17.27
N TRP A 48 5.00 14.02 -17.15
CA TRP A 48 5.27 12.93 -16.22
C TRP A 48 6.39 13.31 -15.28
N GLU A 49 6.11 13.31 -13.97
CA GLU A 49 7.07 13.66 -12.91
C GLU A 49 6.54 13.24 -11.54
N ASN A 50 7.42 13.19 -10.54
CA ASN A 50 7.12 12.78 -9.16
C ASN A 50 7.54 13.85 -8.15
N LEU A 51 7.68 15.14 -8.57
CA LEU A 51 8.25 16.18 -7.73
C LEU A 51 7.43 16.47 -6.46
N ASP A 52 6.12 16.16 -6.44
CA ASP A 52 5.31 16.31 -5.25
C ASP A 52 5.73 15.32 -4.18
N ALA A 53 6.10 14.09 -4.58
CA ALA A 53 6.56 13.06 -3.66
C ALA A 53 7.94 13.37 -3.12
N VAL A 54 8.82 13.91 -3.99
CA VAL A 54 10.18 14.27 -3.60
C VAL A 54 10.14 15.45 -2.61
N LEU A 55 9.27 16.44 -2.85
CA LEU A 55 9.16 17.65 -2.03
C LEU A 55 8.24 17.51 -0.81
N HIS A 56 7.16 16.70 -0.90
CA HIS A 56 6.17 16.64 0.19
C HIS A 56 5.77 15.22 0.67
N LYS A 57 6.28 14.13 0.04
CA LYS A 57 5.96 12.74 0.40
C LYS A 57 4.42 12.50 0.34
N HIS A 58 3.73 13.27 -0.53
CA HIS A 58 2.28 13.27 -0.69
C HIS A 58 1.87 13.71 -2.11
N VAL A 59 0.86 13.03 -2.67
CA VAL A 59 0.32 13.32 -3.99
C VAL A 59 -1.22 13.27 -3.93
N ALA A 60 -1.91 14.36 -4.31
CA ALA A 60 -3.38 14.39 -4.35
C ALA A 60 -3.89 13.64 -5.58
N LEU A 61 -4.83 12.70 -5.39
CA LEU A 61 -5.32 11.92 -6.53
C LEU A 61 -6.76 12.29 -6.91
N ASP A 62 -7.38 13.23 -6.16
CA ASP A 62 -8.76 13.64 -6.49
C ASP A 62 -8.77 14.42 -7.80
N ILE A 63 -9.80 14.17 -8.64
CA ILE A 63 -9.93 14.72 -10.00
C ILE A 63 -9.78 16.27 -10.01
N PRO A 64 -10.47 17.07 -9.15
CA PRO A 64 -10.26 18.54 -9.20
C PRO A 64 -8.80 18.94 -8.99
N ALA A 65 -8.10 18.36 -8.01
CA ALA A 65 -6.70 18.70 -7.77
C ALA A 65 -5.80 18.26 -8.95
N VAL A 66 -6.01 17.04 -9.47
CA VAL A 66 -5.24 16.48 -10.58
C VAL A 66 -5.41 17.29 -11.88
N GLN A 67 -6.66 17.57 -12.32
CA GLN A 67 -6.86 18.31 -13.58
C GLN A 67 -6.35 19.77 -13.47
N ALA A 68 -6.43 20.37 -12.28
CA ALA A 68 -5.92 21.73 -12.07
C ALA A 68 -4.38 21.74 -12.19
N LYS A 69 -3.70 20.76 -11.56
CA LYS A 69 -2.25 20.64 -11.65
C LYS A 69 -1.79 20.27 -13.09
N LEU A 70 -2.35 19.19 -13.66
CA LEU A 70 -1.92 18.66 -14.97
C LEU A 70 -2.35 19.48 -16.20
N LEU A 71 -3.47 20.20 -16.14
CA LEU A 71 -3.94 20.92 -17.31
C LEU A 71 -3.82 22.46 -17.18
N ARG A 72 -3.65 22.99 -15.96
CA ARG A 72 -3.67 24.44 -15.75
C ARG A 72 -2.40 25.01 -15.08
N SER A 73 -1.35 24.20 -14.92
CA SER A 73 -0.07 24.65 -14.39
C SER A 73 1.06 23.92 -15.14
N PRO A 74 2.30 24.49 -15.19
CA PRO A 74 3.41 23.81 -15.90
C PRO A 74 3.93 22.63 -15.04
N ARG A 75 3.09 21.60 -14.87
CA ARG A 75 3.38 20.45 -14.04
C ARG A 75 2.93 19.14 -14.66
N GLY A 76 3.54 18.08 -14.18
CA GLY A 76 3.20 16.72 -14.56
C GLY A 76 2.82 15.88 -13.36
N GLY A 77 2.48 14.63 -13.60
CA GLY A 77 2.09 13.68 -12.57
C GLY A 77 2.64 12.30 -12.77
N TYR A 78 2.54 11.42 -11.75
CA TYR A 78 3.03 10.05 -11.93
C TYR A 78 1.85 9.10 -12.23
N CYS A 79 2.08 7.79 -12.29
CA CYS A 79 1.08 6.84 -12.79
C CYS A 79 -0.34 7.04 -12.25
N TYR A 80 -0.49 7.20 -10.93
CA TYR A 80 -1.79 7.27 -10.29
C TYR A 80 -2.53 8.57 -10.64
N GLU A 81 -1.81 9.66 -10.94
CA GLU A 81 -2.45 10.91 -11.37
C GLU A 81 -2.95 10.76 -12.80
N HIS A 82 -2.09 10.15 -13.67
CA HIS A 82 -2.41 9.86 -15.06
C HIS A 82 -3.62 8.91 -15.16
N VAL A 83 -3.63 7.81 -14.36
CA VAL A 83 -4.75 6.84 -14.39
C VAL A 83 -6.05 7.49 -13.86
N ALA A 84 -5.97 8.35 -12.82
CA ALA A 84 -7.17 9.05 -12.32
C ALA A 84 -7.79 9.88 -13.44
N LEU A 85 -6.96 10.65 -14.17
CA LEU A 85 -7.42 11.49 -15.26
C LEU A 85 -7.93 10.69 -16.43
N PHE A 86 -7.20 9.64 -16.84
CA PHE A 86 -7.61 8.86 -17.99
C PHE A 86 -8.85 8.06 -17.69
N GLY A 87 -8.94 7.54 -16.46
CA GLY A 87 -10.10 6.80 -15.96
C GLY A 87 -11.34 7.66 -15.99
N ALA A 88 -11.19 8.93 -15.58
CA ALA A 88 -12.29 9.91 -15.59
C ALA A 88 -12.75 10.17 -17.01
N VAL A 89 -11.81 10.29 -17.97
CA VAL A 89 -12.13 10.53 -19.39
C VAL A 89 -12.88 9.32 -19.95
N LEU A 90 -12.35 8.08 -19.72
CA LEU A 90 -12.97 6.85 -20.24
C LEU A 90 -14.42 6.73 -19.76
N GLN A 91 -14.67 7.10 -18.49
CA GLN A 91 -15.98 7.08 -17.86
C GLN A 91 -16.95 8.07 -18.53
N ARG A 92 -16.48 9.32 -18.79
CA ARG A 92 -17.31 10.35 -19.41
C ARG A 92 -17.68 10.03 -20.84
N LEU A 93 -16.78 9.35 -21.58
CA LEU A 93 -17.02 9.05 -22.98
C LEU A 93 -17.79 7.72 -23.18
N GLY A 94 -18.14 7.07 -22.07
CA GLY A 94 -18.94 5.86 -22.08
C GLY A 94 -18.27 4.56 -22.48
N PHE A 95 -16.94 4.42 -22.18
CA PHE A 95 -16.23 3.17 -22.46
C PHE A 95 -16.48 2.16 -21.34
N ASP A 96 -16.44 0.86 -21.66
CA ASP A 96 -16.53 -0.24 -20.70
C ASP A 96 -15.10 -0.55 -20.29
N PHE A 97 -14.70 -0.16 -19.07
CA PHE A 97 -13.30 -0.34 -18.67
C PHE A 97 -13.15 -0.67 -17.19
N TYR A 98 -11.92 -1.06 -16.82
CA TYR A 98 -11.56 -1.36 -15.46
C TYR A 98 -10.08 -1.04 -15.23
N GLY A 99 -9.76 -0.84 -13.97
CA GLY A 99 -8.41 -0.58 -13.52
C GLY A 99 -7.68 -1.83 -13.14
N ILE A 100 -6.36 -1.81 -13.32
CA ILE A 100 -5.49 -2.91 -12.94
C ILE A 100 -4.24 -2.33 -12.27
N GLN A 101 -3.42 -3.24 -11.70
CA GLN A 101 -2.14 -2.93 -11.08
C GLN A 101 -1.05 -3.81 -11.66
N GLY A 102 0.10 -3.21 -11.94
CA GLY A 102 1.26 -3.96 -12.43
C GLY A 102 2.44 -3.89 -11.46
N ARG A 103 3.35 -4.86 -11.56
CA ARG A 103 4.60 -4.94 -10.76
C ARG A 103 5.75 -4.50 -11.67
N VAL A 104 6.34 -3.31 -11.43
CA VAL A 104 7.42 -2.78 -12.26
C VAL A 104 8.71 -3.54 -11.91
N GLN A 105 9.17 -4.32 -12.85
CA GLN A 105 10.33 -5.20 -12.69
C GLN A 105 11.62 -4.64 -13.26
N MET A 106 11.56 -4.02 -14.44
CA MET A 106 12.72 -3.50 -15.19
C MET A 106 13.86 -4.53 -15.24
N GLY A 107 13.52 -5.78 -15.60
CA GLY A 107 14.46 -6.88 -15.74
C GLY A 107 14.72 -7.75 -14.52
N ALA A 108 14.40 -7.26 -13.32
CA ALA A 108 14.65 -8.04 -12.09
C ALA A 108 13.75 -9.28 -11.99
N THR A 109 14.29 -10.37 -11.41
CA THR A 109 13.56 -11.63 -11.19
C THR A 109 12.88 -11.64 -9.82
N THR A 110 13.43 -10.85 -8.86
CA THR A 110 12.83 -10.68 -7.53
C THR A 110 11.53 -9.89 -7.71
N ILE A 111 10.40 -10.48 -7.27
CA ILE A 111 9.07 -9.89 -7.40
C ILE A 111 8.99 -8.55 -6.69
N ARG A 112 8.51 -7.53 -7.42
CA ARG A 112 8.30 -6.17 -6.92
C ARG A 112 6.84 -6.00 -6.52
N PRO A 113 6.46 -5.00 -5.68
CA PRO A 113 5.03 -4.85 -5.33
C PRO A 113 4.23 -4.33 -6.51
N ALA A 114 2.91 -4.55 -6.52
CA ALA A 114 2.03 -4.13 -7.61
C ALA A 114 1.68 -2.67 -7.47
N THR A 115 2.61 -1.78 -7.89
CA THR A 115 2.43 -0.35 -7.69
C THR A 115 2.44 0.48 -8.99
N HIS A 116 2.03 -0.12 -10.12
CA HIS A 116 1.88 0.64 -11.36
C HIS A 116 0.45 0.49 -11.85
N GLY A 117 -0.34 1.56 -11.78
CA GLY A 117 -1.72 1.48 -12.22
C GLY A 117 -1.84 1.63 -13.71
N MET A 118 -2.76 0.86 -14.32
CA MET A 118 -3.09 0.85 -15.75
C MET A 118 -4.57 0.62 -15.88
N LEU A 119 -5.10 0.84 -17.08
CA LEU A 119 -6.51 0.64 -17.38
C LEU A 119 -6.67 -0.32 -18.54
N VAL A 120 -7.74 -1.15 -18.48
CA VAL A 120 -8.06 -2.11 -19.55
C VAL A 120 -9.45 -1.75 -20.09
N VAL A 121 -9.58 -1.65 -21.41
CA VAL A 121 -10.81 -1.30 -22.11
C VAL A 121 -11.37 -2.54 -22.84
N ARG A 122 -12.70 -2.76 -22.72
CA ARG A 122 -13.41 -3.85 -23.38
C ARG A 122 -14.13 -3.33 -24.64
N LEU A 123 -13.73 -3.82 -25.83
CA LEU A 123 -14.33 -3.43 -27.12
C LEU A 123 -14.62 -4.67 -27.93
N ALA A 124 -15.92 -4.97 -28.09
CA ALA A 124 -16.43 -6.14 -28.82
C ALA A 124 -15.85 -7.43 -28.22
N ALA A 125 -15.27 -8.33 -29.03
CA ALA A 125 -14.72 -9.58 -28.51
C ALA A 125 -13.29 -9.41 -27.93
N GLU A 126 -12.81 -8.15 -27.78
CA GLU A 126 -11.42 -7.89 -27.38
C GLU A 126 -11.22 -7.05 -26.08
N GLN A 127 -9.97 -7.06 -25.60
CA GLN A 127 -9.47 -6.29 -24.47
C GLN A 127 -8.22 -5.51 -24.89
N TRP A 128 -8.13 -4.24 -24.48
CA TRP A 128 -7.08 -3.31 -24.83
C TRP A 128 -6.40 -2.74 -23.60
N LEU A 129 -5.09 -2.96 -23.49
CA LEU A 129 -4.33 -2.43 -22.37
C LEU A 129 -4.00 -0.96 -22.63
N CYS A 130 -4.39 -0.07 -21.70
CA CYS A 130 -4.06 1.35 -21.83
C CYS A 130 -3.07 1.72 -20.74
N ASP A 131 -1.78 1.58 -21.06
CA ASP A 131 -0.69 1.91 -20.11
C ASP A 131 -0.31 3.35 -20.37
N VAL A 132 -1.10 4.27 -19.83
CA VAL A 132 -0.98 5.71 -20.14
C VAL A 132 -0.06 6.51 -19.21
N GLY A 133 0.25 5.98 -18.04
CA GLY A 133 1.02 6.70 -17.04
C GLY A 133 2.36 6.14 -16.63
N PHE A 134 3.09 5.49 -17.55
CA PHE A 134 4.39 4.91 -17.23
C PHE A 134 5.54 5.93 -17.45
N GLY A 135 5.30 7.01 -18.18
CA GLY A 135 6.34 7.99 -18.48
C GLY A 135 6.80 7.70 -19.90
N THR A 136 7.55 6.58 -20.09
CA THR A 136 7.95 6.12 -21.44
C THR A 136 6.89 5.14 -21.90
N SER A 137 5.66 5.59 -21.81
CA SER A 137 4.47 4.84 -22.08
C SER A 137 4.26 4.48 -23.54
N PRO A 138 3.57 3.34 -23.80
CA PRO A 138 3.15 3.04 -25.17
C PRO A 138 2.26 4.18 -25.65
N LEU A 139 2.40 4.54 -26.94
CA LEU A 139 1.64 5.64 -27.51
C LEU A 139 0.29 5.17 -27.99
N ALA A 140 0.05 3.85 -27.94
CA ALA A 140 -1.23 3.32 -28.41
C ALA A 140 -1.73 2.21 -27.50
N PRO A 141 -3.07 1.98 -27.41
CA PRO A 141 -3.56 0.81 -26.66
C PRO A 141 -2.98 -0.46 -27.24
N ILE A 142 -2.80 -1.48 -26.43
CA ILE A 142 -2.21 -2.73 -26.88
C ILE A 142 -3.25 -3.83 -26.74
N ARG A 143 -3.51 -4.55 -27.84
CA ARG A 143 -4.44 -5.69 -27.89
C ARG A 143 -3.99 -6.76 -26.94
N LEU A 144 -4.85 -7.12 -25.98
CA LEU A 144 -4.50 -8.15 -25.01
C LEU A 144 -4.65 -9.50 -25.67
N VAL A 145 -3.50 -10.08 -25.99
CA VAL A 145 -3.36 -11.39 -26.62
C VAL A 145 -2.36 -12.16 -25.77
N ASP A 146 -2.27 -13.48 -25.96
CA ASP A 146 -1.33 -14.29 -25.17
C ASP A 146 0.14 -14.06 -25.53
N GLU A 147 0.44 -13.58 -26.73
CA GLU A 147 1.81 -13.29 -27.11
C GLU A 147 1.85 -12.43 -28.36
N ALA A 148 2.63 -11.33 -28.34
CA ALA A 148 2.80 -10.47 -29.52
C ALA A 148 3.97 -9.55 -29.41
N VAL A 149 4.56 -9.22 -30.56
CA VAL A 149 5.59 -8.20 -30.76
C VAL A 149 4.83 -7.03 -31.39
N VAL A 150 4.91 -5.85 -30.77
CA VAL A 150 4.12 -4.71 -31.19
C VAL A 150 5.02 -3.50 -31.51
N ALA A 151 4.89 -2.95 -32.73
CA ALA A 151 5.58 -1.73 -33.10
C ALA A 151 4.76 -0.54 -32.59
N ASP A 152 5.42 0.41 -31.97
CA ASP A 152 4.77 1.60 -31.46
C ASP A 152 5.66 2.74 -31.85
N GLU A 153 5.48 3.20 -33.10
CA GLU A 153 6.33 4.22 -33.72
C GLU A 153 7.78 3.66 -33.77
N SER A 154 8.79 4.34 -33.18
CA SER A 154 10.16 3.81 -33.21
C SER A 154 10.45 2.83 -32.06
N TRP A 155 9.47 2.68 -31.15
CA TRP A 155 9.57 1.79 -30.00
C TRP A 155 9.00 0.46 -30.36
N THR A 156 9.45 -0.59 -29.65
CA THR A 156 8.96 -1.96 -29.86
C THR A 156 8.70 -2.59 -28.51
N TYR A 157 7.55 -3.25 -28.39
CA TYR A 157 7.14 -3.93 -27.17
C TYR A 157 6.85 -5.39 -27.42
N ARG A 158 6.95 -6.19 -26.37
CA ARG A 158 6.58 -7.60 -26.42
C ARG A 158 5.62 -7.87 -25.29
N LEU A 159 4.50 -8.50 -25.61
CA LEU A 159 3.49 -8.88 -24.64
C LEU A 159 3.49 -10.39 -24.56
N ARG A 160 3.54 -10.96 -23.36
CA ARG A 160 3.55 -12.41 -23.21
C ARG A 160 2.89 -12.84 -21.91
N ARG A 161 1.87 -13.69 -22.06
CA ARG A 161 1.08 -14.30 -20.98
C ARG A 161 1.84 -15.49 -20.41
N GLY A 162 1.74 -15.67 -19.11
CA GLY A 162 2.35 -16.79 -18.41
C GLY A 162 2.16 -16.75 -16.92
N GLU A 163 2.90 -17.60 -16.22
CA GLU A 163 2.90 -17.65 -14.76
C GLU A 163 3.91 -16.62 -14.31
N VAL A 164 3.51 -15.35 -14.38
CA VAL A 164 4.36 -14.19 -14.13
C VAL A 164 4.96 -14.22 -12.72
N THR A 165 4.16 -14.68 -11.75
CA THR A 165 4.52 -14.85 -10.35
C THR A 165 3.91 -16.20 -9.97
N PRO A 166 4.42 -16.92 -8.95
CA PRO A 166 3.91 -18.29 -8.67
C PRO A 166 2.39 -18.37 -8.44
N GLY A 167 1.76 -19.28 -9.19
CA GLY A 167 0.32 -19.55 -9.13
C GLY A 167 -0.53 -18.48 -9.78
N ALA A 168 0.09 -17.44 -10.37
CA ALA A 168 -0.67 -16.40 -11.04
C ALA A 168 -0.74 -16.62 -12.56
N ASP A 169 -1.74 -16.00 -13.19
CA ASP A 169 -1.95 -16.00 -14.63
C ASP A 169 -1.92 -14.54 -15.01
N GLY A 170 -0.87 -14.14 -15.71
CA GLY A 170 -0.72 -12.73 -16.03
C GLY A 170 0.08 -12.51 -17.29
N TRP A 171 0.44 -11.24 -17.54
CA TRP A 171 1.22 -10.85 -18.72
C TRP A 171 2.48 -10.11 -18.33
N THR A 172 3.51 -10.21 -19.17
CA THR A 172 4.70 -9.38 -19.03
C THR A 172 4.72 -8.46 -20.22
N LEU A 173 4.87 -7.16 -19.98
CA LEU A 173 5.10 -6.21 -21.05
C LEU A 173 6.59 -5.93 -21.03
N SER A 174 7.28 -6.15 -22.16
CA SER A 174 8.73 -5.92 -22.26
C SER A 174 9.04 -4.85 -23.28
N GLU A 175 10.20 -4.20 -23.14
CA GLU A 175 10.62 -3.20 -24.14
C GLU A 175 11.79 -3.78 -24.87
N ALA A 176 11.97 -3.42 -26.15
CA ALA A 176 13.13 -3.92 -26.90
C ALA A 176 14.42 -3.50 -26.19
N ALA A 177 15.34 -4.46 -26.04
CA ALA A 177 16.64 -4.32 -25.35
C ALA A 177 17.48 -3.20 -25.96
N GLY A 178 18.26 -2.53 -25.12
CA GLY A 178 19.15 -1.44 -25.51
C GLY A 178 18.43 -0.32 -26.21
N ASP A 179 17.24 0.07 -25.70
CA ASP A 179 16.40 1.13 -26.25
C ASP A 179 16.07 0.86 -27.74
N GLY A 180 15.94 -0.40 -28.09
CA GLY A 180 15.62 -0.87 -29.44
C GLY A 180 16.81 -1.12 -30.35
N SER A 181 18.05 -1.00 -29.84
CA SER A 181 19.23 -1.18 -30.67
C SER A 181 19.71 -2.64 -30.67
N GLU A 182 19.18 -3.45 -29.79
CA GLU A 182 19.66 -4.81 -29.69
C GLU A 182 18.55 -5.82 -29.82
N PRO A 183 18.86 -7.07 -30.23
CA PRO A 183 17.82 -8.11 -30.17
C PRO A 183 17.56 -8.41 -28.70
N GLY A 184 16.44 -9.03 -28.42
CA GLY A 184 16.11 -9.38 -27.05
C GLY A 184 15.17 -8.39 -26.41
N TRP A 185 14.75 -8.72 -25.20
CA TRP A 185 13.75 -7.93 -24.50
C TRP A 185 14.14 -7.63 -23.10
N LEU A 186 13.66 -6.49 -22.57
CA LEU A 186 13.82 -6.10 -21.16
C LEU A 186 12.43 -6.06 -20.53
N SER A 187 12.14 -6.93 -19.53
CA SER A 187 10.82 -6.85 -18.88
C SER A 187 10.60 -5.48 -18.26
N ARG A 188 9.42 -4.87 -18.49
CA ARG A 188 9.06 -3.60 -17.87
C ARG A 188 8.27 -3.89 -16.62
N HIS A 189 7.08 -4.47 -16.80
CA HIS A 189 6.20 -4.83 -15.69
C HIS A 189 5.47 -6.12 -15.99
N THR A 190 4.90 -6.73 -14.94
CA THR A 190 4.01 -7.87 -15.05
C THR A 190 2.66 -7.39 -14.53
N PHE A 191 1.56 -7.91 -15.04
CA PHE A 191 0.25 -7.50 -14.53
C PHE A 191 -0.71 -8.67 -14.58
N VAL A 192 -1.77 -8.58 -13.79
CA VAL A 192 -2.91 -9.52 -13.74
C VAL A 192 -4.15 -8.65 -13.96
N LEU A 193 -5.24 -9.26 -14.44
CA LEU A 193 -6.44 -8.50 -14.76
C LEU A 193 -7.37 -8.31 -13.56
N GLU A 194 -6.96 -8.69 -12.33
CA GLU A 194 -7.82 -8.47 -11.16
C GLU A 194 -8.25 -6.99 -11.10
N PRO A 195 -9.58 -6.69 -11.11
CA PRO A 195 -10.00 -5.28 -11.09
C PRO A 195 -9.53 -4.52 -9.86
N GLN A 196 -9.08 -3.28 -10.08
CA GLN A 196 -8.60 -2.38 -9.04
C GLN A 196 -9.34 -1.07 -9.16
N TYR A 197 -9.48 -0.37 -8.04
CA TYR A 197 -10.30 0.83 -7.98
C TYR A 197 -9.51 2.04 -7.47
N PRO A 198 -10.06 3.26 -7.63
CA PRO A 198 -9.39 4.48 -7.11
C PRO A 198 -8.91 4.35 -5.64
N ILE A 199 -9.68 3.64 -4.77
CA ILE A 199 -9.29 3.43 -3.37
C ILE A 199 -7.97 2.63 -3.27
N ASP A 200 -7.78 1.63 -4.17
CA ASP A 200 -6.56 0.80 -4.20
C ASP A 200 -5.38 1.69 -4.64
N TYR A 201 -5.64 2.57 -5.59
CA TYR A 201 -4.64 3.51 -6.07
C TYR A 201 -4.22 4.49 -4.97
N ARG A 202 -5.14 4.92 -4.10
CA ARG A 202 -4.79 5.80 -2.98
C ARG A 202 -3.88 5.11 -1.99
N ALA A 203 -4.18 3.84 -1.65
CA ALA A 203 -3.40 3.02 -0.72
C ALA A 203 -2.00 2.74 -1.31
N ALA A 204 -1.93 2.46 -2.62
CA ALA A 204 -0.67 2.19 -3.33
C ALA A 204 0.16 3.45 -3.46
N SER A 205 -0.48 4.58 -3.78
CA SER A 205 0.17 5.88 -3.91
C SER A 205 0.77 6.34 -2.59
N TYR A 206 0.10 6.06 -1.46
CA TYR A 206 0.63 6.38 -0.13
C TYR A 206 2.03 5.75 0.05
N PHE A 207 2.19 4.47 -0.33
CA PHE A 207 3.47 3.75 -0.26
C PHE A 207 4.47 4.35 -1.27
N VAL A 208 4.03 4.52 -2.54
CA VAL A 208 4.89 5.04 -3.61
C VAL A 208 5.41 6.47 -3.27
N ALA A 209 4.56 7.34 -2.70
CA ALA A 209 4.95 8.74 -2.43
C ALA A 209 5.80 8.94 -1.16
N SER A 210 5.69 8.06 -0.12
CA SER A 210 6.43 8.30 1.12
C SER A 210 7.37 7.16 1.61
N SER A 211 7.13 5.89 1.23
CA SER A 211 7.95 4.79 1.72
C SER A 211 9.41 4.87 1.26
N PRO A 212 10.37 4.60 2.17
CA PRO A 212 11.80 4.63 1.77
C PRO A 212 12.14 3.44 0.84
N HIS A 213 11.26 2.43 0.81
CA HIS A 213 11.41 1.25 -0.06
C HIS A 213 10.81 1.53 -1.46
N SER A 214 10.31 2.77 -1.68
CA SER A 214 9.81 3.25 -2.97
C SER A 214 10.86 4.22 -3.57
N PRO A 215 11.43 3.94 -4.77
CA PRO A 215 12.45 4.84 -5.34
C PRO A 215 11.92 6.24 -5.71
N PHE A 216 10.61 6.36 -6.03
CA PHE A 216 9.99 7.62 -6.42
C PHE A 216 9.71 8.56 -5.23
N SER A 217 9.93 8.11 -3.97
CA SER A 217 9.66 8.95 -2.80
C SER A 217 10.73 10.00 -2.51
N THR A 218 12.02 9.70 -2.77
CA THR A 218 13.09 10.62 -2.39
C THR A 218 13.81 11.32 -3.54
N ARG A 219 13.88 10.74 -4.75
CA ARG A 219 14.67 11.38 -5.82
C ARG A 219 13.86 11.66 -7.07
N ALA A 220 14.09 12.85 -7.69
CA ALA A 220 13.40 13.33 -8.88
C ALA A 220 13.47 12.33 -10.04
N PHE A 221 12.32 12.08 -10.66
CA PHE A 221 12.19 11.21 -11.84
C PHE A 221 11.21 11.88 -12.74
N VAL A 222 11.68 12.35 -13.89
CA VAL A 222 10.87 13.10 -14.85
C VAL A 222 11.00 12.43 -16.21
N GLN A 223 9.88 12.27 -16.93
CA GLN A 223 9.95 11.54 -18.20
C GLN A 223 9.15 12.20 -19.30
N GLN A 224 9.56 11.96 -20.56
CA GLN A 224 8.84 12.46 -21.74
C GLN A 224 9.12 11.52 -22.89
N ILE A 225 8.08 11.15 -23.66
CA ILE A 225 8.26 10.26 -24.80
C ILE A 225 7.60 10.90 -26.03
N SER A 226 8.22 10.65 -27.19
CA SER A 226 7.80 11.10 -28.51
C SER A 226 7.81 9.88 -29.44
N PRO A 227 7.29 9.97 -30.68
CA PRO A 227 7.38 8.81 -31.58
C PRO A 227 8.82 8.34 -31.89
N ASP A 228 9.80 9.26 -31.91
CA ASP A 228 11.16 8.88 -32.26
C ASP A 228 12.20 9.45 -31.27
N HIS A 229 11.80 9.63 -30.00
CA HIS A 229 12.70 10.17 -28.99
C HIS A 229 12.11 10.08 -27.60
N ALA A 230 12.99 10.14 -26.58
CA ALA A 230 12.59 10.20 -25.17
C ALA A 230 13.65 10.88 -24.33
N TYR A 231 13.22 11.46 -23.21
CA TYR A 231 14.07 12.04 -22.17
C TYR A 231 13.63 11.54 -20.83
N ILE A 232 14.60 11.27 -19.98
CA ILE A 232 14.39 10.85 -18.61
C ILE A 232 15.39 11.60 -17.75
N LEU A 233 14.91 12.35 -16.76
CA LEU A 233 15.78 12.96 -15.76
C LEU A 233 15.78 12.04 -14.56
N ASP A 234 16.93 11.42 -14.27
CA ASP A 234 17.06 10.49 -13.17
C ASP A 234 17.85 11.24 -12.09
N HIS A 235 17.11 11.96 -11.21
CA HIS A 235 17.63 12.83 -10.15
C HIS A 235 18.29 14.04 -10.84
N ARG A 236 19.62 14.05 -11.02
CA ARG A 236 20.35 15.13 -11.71
C ARG A 236 20.97 14.63 -13.04
N GLU A 237 20.74 13.36 -13.39
CA GLU A 237 21.30 12.78 -14.60
C GLU A 237 20.28 12.85 -15.72
N LEU A 238 20.63 13.54 -16.80
CA LEU A 238 19.69 13.64 -17.93
C LEU A 238 20.02 12.59 -18.93
N HIS A 239 19.06 11.70 -19.20
CA HIS A 239 19.17 10.64 -20.20
C HIS A 239 18.46 11.09 -21.49
N GLU A 240 19.16 11.06 -22.62
CA GLU A 240 18.52 11.39 -23.91
C GLU A 240 18.52 10.13 -24.74
N ILE A 241 17.31 9.61 -25.09
CA ILE A 241 17.19 8.31 -25.74
C ILE A 241 16.74 8.43 -27.20
N GLN A 242 17.48 7.76 -28.08
CA GLN A 242 17.17 7.64 -29.50
C GLN A 242 16.76 6.20 -29.74
N PRO A 243 15.44 5.95 -29.80
CA PRO A 243 14.97 4.57 -30.02
C PRO A 243 15.60 3.94 -31.25
N GLY A 244 16.02 2.68 -31.12
CA GLY A 244 16.71 1.96 -32.20
C GLY A 244 18.21 2.20 -32.24
N VAL A 245 18.71 3.16 -31.47
CA VAL A 245 20.14 3.51 -31.43
C VAL A 245 20.72 3.35 -30.00
N GLY A 246 20.09 4.02 -29.04
CA GLY A 246 20.57 3.97 -27.66
C GLY A 246 20.38 5.27 -26.93
N ARG A 247 21.26 5.54 -25.94
CA ARG A 247 21.12 6.74 -25.16
C ARG A 247 22.46 7.32 -24.73
N LYS A 248 22.42 8.58 -24.33
CA LYS A 248 23.55 9.30 -23.80
C LYS A 248 23.07 9.92 -22.49
N THR A 249 23.99 10.17 -21.57
CA THR A 249 23.69 10.71 -20.24
C THR A 249 24.64 11.83 -19.88
N ARG A 250 24.13 12.84 -19.16
CA ARG A 250 24.93 13.96 -18.68
C ARG A 250 24.41 14.43 -17.31
N GLN A 251 25.35 14.75 -16.38
CA GLN A 251 25.00 15.25 -15.07
C GLN A 251 24.71 16.75 -15.14
N LEU A 252 23.65 17.18 -14.46
CA LEU A 252 23.24 18.57 -14.40
C LEU A 252 23.52 19.11 -13.02
N THR A 253 23.88 20.40 -12.94
CA THR A 253 24.03 21.11 -11.68
C THR A 253 22.62 21.39 -11.14
N PRO A 254 22.41 21.74 -9.85
CA PRO A 254 21.06 22.06 -9.38
C PRO A 254 20.35 23.14 -10.24
N ALA A 255 21.08 24.18 -10.68
CA ALA A 255 20.53 25.23 -11.54
C ALA A 255 20.16 24.70 -12.93
N GLU A 256 21.00 23.81 -13.53
CA GLU A 256 20.72 23.24 -14.85
C GLU A 256 19.46 22.38 -14.82
N VAL A 257 19.20 21.68 -13.68
CA VAL A 257 17.99 20.87 -13.49
C VAL A 257 16.75 21.76 -13.65
N LEU A 258 16.70 22.90 -12.92
CA LEU A 258 15.55 23.81 -13.06
C LEU A 258 15.41 24.32 -14.49
N ALA A 259 16.55 24.63 -15.16
CA ALA A 259 16.53 25.08 -16.56
C ALA A 259 16.00 23.99 -17.48
N THR A 260 16.52 22.75 -17.33
CA THR A 260 16.12 21.58 -18.14
C THR A 260 14.64 21.26 -17.91
N LEU A 261 14.19 21.33 -16.64
CA LEU A 261 12.76 21.08 -16.33
C LEU A 261 11.85 22.00 -17.15
N ARG A 262 12.21 23.30 -17.27
CA ARG A 262 11.43 24.27 -18.03
C ARG A 262 11.61 24.10 -19.54
N GLU A 263 12.87 24.12 -20.04
CA GLU A 263 13.18 24.08 -21.46
C GLU A 263 12.82 22.76 -22.14
N ILE A 264 13.17 21.61 -21.52
CA ILE A 264 12.94 20.30 -22.13
C ILE A 264 11.57 19.75 -21.75
N PHE A 265 11.20 19.82 -20.46
CA PHE A 265 9.96 19.18 -20.01
C PHE A 265 8.76 20.11 -19.84
N GLY A 266 8.96 21.43 -19.86
CA GLY A 266 7.89 22.39 -19.65
C GLY A 266 7.36 22.40 -18.24
N ILE A 267 8.23 22.04 -17.27
CA ILE A 267 7.91 21.98 -15.84
C ILE A 267 8.56 23.17 -15.13
N GLU A 268 7.76 23.92 -14.36
CA GLU A 268 8.21 25.05 -13.54
C GLU A 268 7.48 25.01 -12.22
N LEU A 269 8.25 25.04 -11.12
CA LEU A 269 7.69 25.01 -9.78
C LEU A 269 7.52 26.41 -9.24
N GLY A 270 6.76 26.53 -8.15
CA GLY A 270 6.59 27.79 -7.43
C GLY A 270 7.90 28.16 -6.77
N ALA A 271 8.09 29.47 -6.48
CA ALA A 271 9.32 30.04 -5.88
C ALA A 271 9.86 29.20 -4.72
N ASP A 272 8.98 28.81 -3.78
CA ASP A 272 9.32 28.02 -2.60
C ASP A 272 9.64 26.56 -2.93
N ASP A 273 8.90 25.94 -3.88
CA ASP A 273 9.15 24.56 -4.29
C ASP A 273 10.46 24.46 -5.05
N SER A 274 10.78 25.48 -5.86
CA SER A 274 12.04 25.60 -6.61
C SER A 274 13.23 25.63 -5.64
N THR A 275 13.11 26.43 -4.55
CA THR A 275 14.12 26.58 -3.51
C THR A 275 14.33 25.24 -2.80
N LEU A 276 13.21 24.57 -2.42
CA LEU A 276 13.25 23.27 -1.75
C LEU A 276 13.80 22.18 -2.68
N LEU A 277 13.51 22.24 -3.99
CA LEU A 277 14.02 21.22 -4.92
C LEU A 277 15.54 21.30 -5.02
N LEU A 278 16.10 22.53 -5.15
CA LEU A 278 17.55 22.79 -5.21
C LEU A 278 18.27 22.19 -3.98
N GLU A 279 17.61 22.22 -2.80
CA GLU A 279 18.11 21.66 -1.54
C GLU A 279 18.18 20.14 -1.64
N ARG A 280 17.12 19.51 -2.21
CA ARG A 280 17.09 18.06 -2.43
C ARG A 280 18.19 17.65 -3.43
N LEU A 281 18.40 18.49 -4.47
CA LEU A 281 19.40 18.28 -5.52
C LEU A 281 20.85 18.51 -5.01
N ALA A 282 21.08 19.50 -4.13
CA ALA A 282 22.43 19.79 -3.58
C ALA A 282 22.82 18.86 -2.41
N GLU A 283 21.86 18.03 -1.91
CA GLU A 283 22.01 17.12 -0.77
C GLU A 283 23.19 16.15 -0.91
N GLN A 284 23.77 15.76 0.25
CA GLN A 284 24.90 14.84 0.45
C GLN A 284 26.15 15.37 -0.28
N VAL B 1 54.79 -11.59 -39.42
CA VAL B 1 54.27 -10.51 -38.58
C VAL B 1 54.66 -10.81 -37.10
N PRO B 2 55.23 -9.83 -36.36
CA PRO B 2 55.65 -10.11 -34.97
C PRO B 2 54.49 -10.31 -34.00
N ARG B 3 54.76 -11.09 -32.93
CA ARG B 3 53.85 -11.29 -31.80
C ARG B 3 53.99 -10.00 -30.96
N GLY B 4 52.91 -9.44 -30.45
CA GLY B 4 51.56 -9.97 -30.40
C GLY B 4 51.26 -10.10 -28.93
N SER B 5 50.99 -8.97 -28.27
CA SER B 5 50.74 -8.90 -26.84
C SER B 5 49.32 -9.38 -26.53
N HIS B 6 49.19 -10.69 -26.23
CA HIS B 6 47.93 -11.32 -25.81
C HIS B 6 47.71 -10.92 -24.34
N MET B 7 47.51 -9.60 -24.10
CA MET B 7 47.40 -8.89 -22.83
C MET B 7 46.57 -9.64 -21.77
N TRP B 8 45.31 -9.93 -22.12
CA TRP B 8 44.37 -10.60 -21.24
C TRP B 8 44.35 -12.12 -21.45
N ASN B 9 45.16 -12.63 -22.40
CA ASN B 9 45.30 -14.07 -22.71
C ASN B 9 43.97 -14.75 -23.03
N GLY B 10 43.18 -14.09 -23.88
CA GLY B 10 41.88 -14.58 -24.34
C GLY B 10 41.95 -15.93 -25.03
N ASP B 11 43.02 -16.17 -25.81
CA ASP B 11 43.26 -17.39 -26.55
C ASP B 11 43.49 -18.61 -25.65
N GLU B 12 43.97 -18.41 -24.40
CA GLU B 12 44.22 -19.53 -23.47
C GLU B 12 42.92 -19.97 -22.75
N LEU B 13 41.87 -19.16 -22.83
CA LEU B 13 40.61 -19.46 -22.17
C LEU B 13 39.84 -20.56 -22.91
N GLN B 14 39.25 -21.47 -22.13
CA GLN B 14 38.33 -22.50 -22.64
C GLN B 14 36.95 -21.83 -22.64
N LEU B 15 36.65 -21.09 -23.72
CA LEU B 15 35.43 -20.29 -23.90
C LEU B 15 34.12 -21.05 -23.70
N ASP B 16 33.89 -22.17 -24.44
CA ASP B 16 32.64 -22.93 -24.31
C ASP B 16 32.47 -23.51 -22.92
N GLU B 17 33.59 -23.98 -22.33
CA GLU B 17 33.60 -24.55 -20.99
C GLU B 17 33.25 -23.48 -19.95
N TYR B 18 33.81 -22.28 -20.12
CA TYR B 18 33.52 -21.17 -19.21
C TYR B 18 32.06 -20.78 -19.31
N LEU B 19 31.54 -20.60 -20.54
CA LEU B 19 30.15 -20.16 -20.75
C LEU B 19 29.12 -21.16 -20.27
N ALA B 20 29.43 -22.47 -20.37
CA ALA B 20 28.53 -23.51 -19.88
C ALA B 20 28.51 -23.50 -18.34
N PHE B 21 29.68 -23.24 -17.72
CA PHE B 21 29.81 -23.19 -16.26
C PHE B 21 28.97 -22.05 -15.67
N ILE B 22 28.99 -20.88 -16.30
CA ILE B 22 28.24 -19.70 -15.84
C ILE B 22 26.79 -19.72 -16.39
N GLY B 23 26.43 -20.78 -17.12
CA GLY B 23 25.08 -20.94 -17.65
C GLY B 23 24.68 -19.93 -18.71
N PHE B 24 25.67 -19.50 -19.51
CA PHE B 24 25.44 -18.56 -20.60
C PHE B 24 25.13 -19.30 -21.90
N ASP B 25 24.12 -18.82 -22.63
CA ASP B 25 23.75 -19.31 -23.95
C ASP B 25 23.15 -18.16 -24.76
N GLY B 26 23.03 -18.36 -26.06
CA GLY B 26 22.47 -17.36 -26.96
C GLY B 26 23.56 -16.61 -27.67
N ASP B 27 23.20 -15.40 -28.15
CA ASP B 27 24.05 -14.51 -28.92
C ASP B 27 25.29 -14.12 -28.11
N ARG B 28 26.48 -14.32 -28.70
CA ARG B 28 27.79 -14.04 -28.08
C ARG B 28 28.39 -12.71 -28.60
N SER B 29 27.62 -11.92 -29.39
CA SER B 29 28.05 -10.62 -29.94
C SER B 29 28.50 -9.64 -28.83
N PRO B 30 29.54 -8.78 -29.05
CA PRO B 30 29.95 -7.85 -27.96
C PRO B 30 28.98 -6.67 -27.78
N THR B 31 27.84 -6.95 -27.11
CA THR B 31 26.77 -5.99 -26.83
C THR B 31 26.43 -5.93 -25.33
N LEU B 32 25.59 -4.93 -24.93
CA LEU B 32 25.15 -4.76 -23.54
C LEU B 32 24.34 -5.95 -23.02
N GLU B 33 23.46 -6.54 -23.87
CA GLU B 33 22.67 -7.69 -23.43
C GLU B 33 23.55 -8.90 -23.16
N THR B 34 24.59 -9.09 -23.97
CA THR B 34 25.53 -10.19 -23.77
C THR B 34 26.29 -9.95 -22.46
N LEU B 35 26.77 -8.70 -22.25
CA LEU B 35 27.52 -8.29 -21.06
C LEU B 35 26.70 -8.52 -19.80
N ARG B 36 25.39 -8.17 -19.85
CA ARG B 36 24.50 -8.38 -18.71
C ARG B 36 24.41 -9.85 -18.36
N ARG B 37 24.24 -10.71 -19.37
CA ARG B 37 24.12 -12.15 -19.14
C ARG B 37 25.45 -12.75 -18.65
N LEU B 38 26.61 -12.21 -19.12
CA LEU B 38 27.95 -12.65 -18.72
C LEU B 38 28.19 -12.33 -17.25
N GLN B 39 27.96 -11.07 -16.85
CA GLN B 39 28.20 -10.68 -15.47
C GLN B 39 27.28 -11.44 -14.50
N ARG B 40 25.97 -11.52 -14.80
CA ARG B 40 25.05 -12.20 -13.90
C ARG B 40 25.46 -13.67 -13.70
N GLY B 41 25.74 -14.38 -14.79
CA GLY B 41 26.15 -15.78 -14.70
C GLY B 41 27.47 -15.96 -13.97
N HIS B 42 28.43 -15.06 -14.21
CA HIS B 42 29.75 -15.12 -13.58
C HIS B 42 29.63 -14.93 -12.07
N VAL B 43 28.96 -13.86 -11.65
CA VAL B 43 28.80 -13.50 -10.23
C VAL B 43 28.06 -14.62 -9.46
N LEU B 44 27.02 -15.18 -10.06
CA LEU B 44 26.25 -16.23 -9.42
C LEU B 44 26.96 -17.60 -9.35
N ASN B 45 27.81 -17.96 -10.33
CA ASN B 45 28.40 -19.30 -10.38
C ASN B 45 29.90 -19.42 -10.00
N ILE B 46 30.73 -18.42 -10.35
CA ILE B 46 32.16 -18.50 -10.01
C ILE B 46 32.29 -18.25 -8.51
N LYS B 47 32.91 -19.19 -7.80
CA LYS B 47 32.98 -19.12 -6.35
C LYS B 47 33.98 -18.08 -5.88
N TRP B 48 33.78 -17.57 -4.65
CA TRP B 48 34.64 -16.52 -4.12
C TRP B 48 35.23 -16.97 -2.81
N GLU B 49 36.58 -16.99 -2.71
CA GLU B 49 37.31 -17.40 -1.50
C GLU B 49 38.77 -17.00 -1.62
N ASN B 50 39.50 -16.98 -0.51
CA ASN B 50 40.92 -16.59 -0.46
C ASN B 50 41.78 -17.69 0.18
N LEU B 51 41.28 -18.96 0.19
CA LEU B 51 41.92 -20.06 0.92
C LEU B 51 43.36 -20.37 0.47
N ASP B 52 43.73 -20.07 -0.80
CA ASP B 52 45.11 -20.23 -1.26
C ASP B 52 46.05 -19.27 -0.54
N ALA B 53 45.60 -18.01 -0.28
CA ALA B 53 46.42 -17.02 0.43
C ALA B 53 46.55 -17.39 1.90
N VAL B 54 45.44 -17.83 2.52
CA VAL B 54 45.44 -18.25 3.91
C VAL B 54 46.41 -19.45 4.10
N LEU B 55 46.36 -20.45 3.19
CA LEU B 55 47.18 -21.67 3.26
C LEU B 55 48.62 -21.53 2.71
N HIS B 56 48.84 -20.74 1.64
CA HIS B 56 50.16 -20.69 1.01
C HIS B 56 50.72 -19.26 0.74
N LYS B 57 50.00 -18.18 1.15
CA LYS B 57 50.43 -16.78 0.98
C LYS B 57 50.77 -16.46 -0.50
N HIS B 58 50.12 -17.19 -1.44
CA HIS B 58 50.33 -17.07 -2.87
C HIS B 58 49.10 -17.52 -3.67
N VAL B 59 48.79 -16.78 -4.74
CA VAL B 59 47.67 -17.03 -5.66
C VAL B 59 48.16 -16.96 -7.13
N ALA B 60 47.96 -18.02 -7.91
CA ALA B 60 48.29 -18.07 -9.34
C ALA B 60 47.25 -17.28 -10.14
N LEU B 61 47.70 -16.35 -10.99
CA LEU B 61 46.75 -15.54 -11.78
C LEU B 61 46.78 -15.88 -13.28
N ASP B 62 47.61 -16.86 -13.69
CA ASP B 62 47.67 -17.23 -15.11
C ASP B 62 46.38 -17.96 -15.49
N ILE B 63 45.83 -17.64 -16.69
CA ILE B 63 44.53 -18.17 -17.17
C ILE B 63 44.48 -19.72 -17.09
N PRO B 64 45.50 -20.51 -17.53
CA PRO B 64 45.39 -21.98 -17.37
C PRO B 64 45.18 -22.43 -15.92
N ALA B 65 45.95 -21.91 -14.94
CA ALA B 65 45.82 -22.26 -13.53
C ALA B 65 44.47 -21.79 -12.95
N VAL B 66 43.99 -20.60 -13.34
CA VAL B 66 42.74 -20.00 -12.85
C VAL B 66 41.54 -20.78 -13.37
N GLN B 67 41.46 -21.05 -14.69
CA GLN B 67 40.29 -21.76 -15.24
C GLN B 67 40.23 -23.23 -14.75
N ALA B 68 41.39 -23.88 -14.52
CA ALA B 68 41.42 -25.26 -14.01
C ALA B 68 40.85 -25.28 -12.56
N LYS B 69 41.29 -24.34 -11.71
CA LYS B 69 40.81 -24.23 -10.33
C LYS B 69 39.31 -23.84 -10.27
N LEU B 70 38.93 -22.71 -10.90
CA LEU B 70 37.57 -22.16 -10.87
C LEU B 70 36.51 -22.93 -11.65
N LEU B 71 36.87 -23.65 -12.71
CA LEU B 71 35.85 -24.34 -13.49
C LEU B 71 35.94 -25.88 -13.37
N ARG B 72 37.09 -26.42 -12.92
CA ARG B 72 37.28 -27.87 -12.91
C ARG B 72 37.53 -28.50 -11.52
N SER B 73 37.43 -27.71 -10.44
CA SER B 73 37.56 -28.22 -9.08
C SER B 73 36.54 -27.51 -8.16
N PRO B 74 36.18 -28.08 -6.97
CA PRO B 74 35.23 -27.39 -6.07
C PRO B 74 35.93 -26.22 -5.33
N ARG B 75 36.32 -25.19 -6.09
CA ARG B 75 37.05 -24.06 -5.54
C ARG B 75 36.61 -22.74 -6.11
N GLY B 76 36.93 -21.70 -5.37
CA GLY B 76 36.70 -20.32 -5.77
C GLY B 76 37.97 -19.50 -5.77
N GLY B 77 37.84 -18.23 -6.10
CA GLY B 77 38.98 -17.32 -6.18
C GLY B 77 38.67 -15.94 -5.66
N TYR B 78 39.70 -15.08 -5.52
CA TYR B 78 39.40 -13.71 -5.07
C TYR B 78 39.43 -12.74 -6.27
N CYS B 79 39.30 -11.41 -6.06
CA CYS B 79 39.11 -10.44 -7.14
C CYS B 79 40.02 -10.62 -8.35
N TYR B 80 41.33 -10.82 -8.15
CA TYR B 80 42.27 -10.86 -9.28
C TYR B 80 42.12 -12.12 -10.11
N GLU B 81 41.61 -13.20 -9.51
CA GLU B 81 41.35 -14.44 -10.25
C GLU B 81 40.10 -14.26 -11.10
N HIS B 82 39.05 -13.66 -10.50
CA HIS B 82 37.79 -13.33 -11.16
C HIS B 82 38.01 -12.38 -12.34
N VAL B 83 38.83 -11.33 -12.15
CA VAL B 83 39.14 -10.33 -13.18
C VAL B 83 40.00 -10.97 -14.29
N ALA B 84 40.96 -11.86 -13.95
CA ALA B 84 41.73 -12.54 -14.99
C ALA B 84 40.77 -13.33 -15.90
N LEU B 85 39.85 -14.09 -15.30
CA LEU B 85 38.89 -14.88 -16.02
C LEU B 85 37.92 -14.06 -16.84
N PHE B 86 37.34 -13.00 -16.25
CA PHE B 86 36.35 -12.16 -16.93
C PHE B 86 37.03 -11.34 -18.01
N GLY B 87 38.24 -10.86 -17.75
CA GLY B 87 39.03 -10.11 -18.72
C GLY B 87 39.29 -10.93 -19.95
N ALA B 88 39.64 -12.21 -19.76
CA ALA B 88 39.89 -13.18 -20.84
C ALA B 88 38.62 -13.39 -21.66
N VAL B 89 37.44 -13.53 -21.01
CA VAL B 89 36.15 -13.68 -21.71
C VAL B 89 35.85 -12.45 -22.53
N LEU B 90 35.98 -11.23 -21.94
CA LEU B 90 35.66 -9.97 -22.65
C LEU B 90 36.52 -9.83 -23.91
N GLN B 91 37.79 -10.22 -23.82
CA GLN B 91 38.77 -10.21 -24.91
C GLN B 91 38.36 -11.17 -26.03
N ARG B 92 37.96 -12.41 -25.67
CA ARG B 92 37.56 -13.42 -26.66
C ARG B 92 36.28 -13.05 -27.39
N LEU B 93 35.32 -12.42 -26.70
CA LEU B 93 34.03 -12.10 -27.29
C LEU B 93 34.04 -10.76 -28.04
N GLY B 94 35.21 -10.13 -28.13
CA GLY B 94 35.44 -8.90 -28.89
C GLY B 94 35.00 -7.59 -28.27
N PHE B 95 34.91 -7.52 -26.92
CA PHE B 95 34.53 -6.26 -26.27
C PHE B 95 35.69 -5.28 -26.19
N ASP B 96 35.38 -3.97 -26.19
CA ASP B 96 36.34 -2.88 -26.00
C ASP B 96 36.34 -2.56 -24.51
N PHE B 97 37.39 -2.94 -23.80
CA PHE B 97 37.39 -2.78 -22.34
C PHE B 97 38.78 -2.47 -21.79
N TYR B 98 38.82 -2.14 -20.48
CA TYR B 98 40.08 -1.90 -19.80
C TYR B 98 39.93 -2.27 -18.33
N GLY B 99 41.07 -2.50 -17.70
CA GLY B 99 41.13 -2.80 -16.28
C GLY B 99 41.32 -1.56 -15.46
N ILE B 100 40.78 -1.59 -14.24
CA ILE B 100 40.94 -0.51 -13.26
C ILE B 100 41.21 -1.14 -11.89
N GLN B 101 41.56 -0.29 -10.92
CA GLN B 101 41.77 -0.67 -9.54
C GLN B 101 40.96 0.23 -8.63
N GLY B 102 40.37 -0.37 -7.60
CA GLY B 102 39.64 0.37 -6.59
C GLY B 102 40.25 0.21 -5.21
N ARG B 103 39.93 1.15 -4.32
CA ARG B 103 40.34 1.23 -2.91
C ARG B 103 39.15 0.79 -2.06
N VAL B 104 39.22 -0.40 -1.45
CA VAL B 104 38.11 -0.93 -0.63
C VAL B 104 38.12 -0.21 0.70
N GLN B 105 37.09 0.61 0.93
CA GLN B 105 36.97 1.44 2.13
C GLN B 105 36.07 0.85 3.21
N MET B 106 34.92 0.28 2.81
CA MET B 106 33.88 -0.26 3.73
C MET B 106 33.56 0.77 4.84
N GLY B 107 33.32 2.01 4.41
CA GLY B 107 32.96 3.13 5.31
C GLY B 107 34.08 3.96 5.91
N ALA B 108 35.33 3.45 5.89
CA ALA B 108 36.47 4.16 6.48
C ALA B 108 36.80 5.44 5.71
N THR B 109 37.23 6.49 6.42
CA THR B 109 37.64 7.75 5.78
C THR B 109 39.14 7.70 5.50
N THR B 110 39.92 6.89 6.28
CA THR B 110 41.37 6.75 6.02
C THR B 110 41.53 6.01 4.69
N ILE B 111 42.28 6.60 3.75
CA ILE B 111 42.50 6.03 2.41
C ILE B 111 43.18 4.67 2.49
N ARG B 112 42.59 3.68 1.80
CA ARG B 112 43.12 2.31 1.70
C ARG B 112 43.88 2.15 0.40
N PRO B 113 44.76 1.10 0.24
CA PRO B 113 45.48 0.93 -1.05
C PRO B 113 44.51 0.49 -2.15
N ALA B 114 44.88 0.74 -3.40
CA ALA B 114 44.05 0.40 -4.57
C ALA B 114 44.25 -1.07 -4.90
N THR B 115 43.58 -1.97 -4.14
CA THR B 115 43.79 -3.39 -4.29
C THR B 115 42.51 -4.18 -4.64
N HIS B 116 41.56 -3.55 -5.35
CA HIS B 116 40.41 -4.31 -5.84
C HIS B 116 40.31 -4.11 -7.34
N GLY B 117 40.58 -5.16 -8.10
CA GLY B 117 40.50 -5.07 -9.55
C GLY B 117 39.08 -5.13 -10.07
N MET B 118 38.79 -4.32 -11.10
CA MET B 118 37.49 -4.27 -11.79
C MET B 118 37.73 -3.99 -13.25
N LEU B 119 36.71 -4.20 -14.09
CA LEU B 119 36.79 -3.96 -15.52
C LEU B 119 35.74 -2.97 -15.95
N VAL B 120 36.09 -2.12 -16.94
CA VAL B 120 35.16 -1.13 -17.50
C VAL B 120 35.00 -1.47 -18.99
N VAL B 121 33.76 -1.52 -19.46
CA VAL B 121 33.42 -1.84 -20.85
C VAL B 121 32.88 -0.58 -21.56
N ARG B 122 33.36 -0.32 -22.79
CA ARG B 122 32.91 0.79 -23.62
C ARG B 122 31.89 0.31 -24.66
N LEU B 123 30.65 0.83 -24.60
CA LEU B 123 29.57 0.46 -25.53
C LEU B 123 28.86 1.72 -26.00
N ALA B 124 29.05 2.07 -27.29
CA ALA B 124 28.48 3.26 -27.93
C ALA B 124 28.96 4.52 -27.19
N ALA B 125 28.08 5.44 -26.81
CA ALA B 125 28.52 6.65 -26.11
C ALA B 125 28.67 6.43 -24.57
N GLU B 126 28.67 5.16 -24.11
CA GLU B 126 28.64 4.85 -22.67
C GLU B 126 29.78 3.96 -22.14
N GLN B 127 29.93 3.97 -20.80
CA GLN B 127 30.88 3.15 -20.08
C GLN B 127 30.13 2.34 -19.03
N TRP B 128 30.50 1.08 -18.90
CA TRP B 128 29.85 0.16 -17.97
C TRP B 128 30.85 -0.44 -17.00
N LEU B 129 30.59 -0.24 -15.69
CA LEU B 129 31.44 -0.83 -14.67
C LEU B 129 31.05 -2.29 -14.44
N CYS B 130 32.02 -3.19 -14.59
CA CYS B 130 31.85 -4.61 -14.35
C CYS B 130 32.66 -5.01 -13.11
N ASP B 131 32.02 -4.89 -11.95
CA ASP B 131 32.61 -5.28 -10.66
C ASP B 131 32.23 -6.73 -10.38
N VAL B 132 32.92 -7.66 -11.05
CA VAL B 132 32.56 -9.08 -11.02
C VAL B 132 33.25 -9.92 -9.90
N GLY B 133 34.30 -9.41 -9.29
CA GLY B 133 35.05 -10.18 -8.31
C GLY B 133 35.09 -9.68 -6.89
N PHE B 134 34.05 -8.97 -6.43
CA PHE B 134 33.99 -8.44 -5.07
C PHE B 134 33.44 -9.45 -4.05
N GLY B 135 32.87 -10.57 -4.50
CA GLY B 135 32.25 -11.55 -3.61
C GLY B 135 30.77 -11.24 -3.52
N THR B 136 30.39 -10.16 -2.78
CA THR B 136 28.98 -9.70 -2.74
C THR B 136 28.82 -8.67 -3.86
N SER B 137 29.21 -9.11 -5.04
CA SER B 137 29.30 -8.29 -6.22
C SER B 137 27.96 -7.88 -6.82
N PRO B 138 27.91 -6.70 -7.51
CA PRO B 138 26.73 -6.38 -8.32
C PRO B 138 26.48 -7.50 -9.32
N LEU B 139 25.19 -7.85 -9.50
CA LEU B 139 24.80 -8.92 -10.42
C LEU B 139 24.70 -8.39 -11.84
N ALA B 140 24.82 -7.06 -12.03
CA ALA B 140 24.70 -6.46 -13.35
C ALA B 140 25.75 -5.37 -13.59
N PRO B 141 26.16 -5.13 -14.86
CA PRO B 141 27.04 -3.98 -15.13
C PRO B 141 26.38 -2.70 -14.68
N ILE B 142 27.17 -1.74 -14.24
CA ILE B 142 26.61 -0.47 -13.76
C ILE B 142 27.01 0.62 -14.72
N ARG B 143 26.02 1.37 -15.22
CA ARG B 143 26.24 2.52 -16.13
C ARG B 143 27.05 3.57 -15.43
N LEU B 144 28.20 3.90 -16.00
CA LEU B 144 29.05 4.90 -15.40
C LEU B 144 28.48 6.30 -15.67
N VAL B 145 27.83 6.86 -14.64
CA VAL B 145 27.22 8.20 -14.63
C VAL B 145 27.80 8.94 -13.42
N ASP B 146 27.65 10.27 -13.35
CA ASP B 146 28.19 11.02 -12.21
C ASP B 146 27.46 10.73 -10.89
N GLU B 147 26.20 10.31 -10.93
CA GLU B 147 25.49 9.98 -9.70
C GLU B 147 24.25 9.16 -10.03
N ALA B 148 24.01 8.06 -9.29
CA ALA B 148 22.83 7.21 -9.48
C ALA B 148 22.63 6.28 -8.35
N VAL B 149 21.34 5.98 -8.09
CA VAL B 149 20.87 4.95 -7.17
C VAL B 149 20.45 3.81 -8.10
N VAL B 150 20.98 2.62 -7.87
CA VAL B 150 20.79 1.49 -8.78
C VAL B 150 20.21 0.30 -8.04
N ALA B 151 19.07 -0.21 -8.50
CA ALA B 151 18.51 -1.42 -7.94
C ALA B 151 19.17 -2.62 -8.60
N ASP B 152 19.60 -3.58 -7.80
CA ASP B 152 20.24 -4.77 -8.33
C ASP B 152 19.60 -5.92 -7.64
N GLU B 153 18.44 -6.34 -8.16
CA GLU B 153 17.61 -7.36 -7.51
C GLU B 153 17.18 -6.82 -6.11
N SER B 154 17.45 -7.52 -5.00
CA SER B 154 17.07 -7.05 -3.67
C SER B 154 18.14 -6.13 -3.06
N TRP B 155 19.26 -5.95 -3.77
CA TRP B 155 20.37 -5.10 -3.37
C TRP B 155 20.20 -3.76 -3.99
N THR B 156 20.77 -2.73 -3.35
CA THR B 156 20.72 -1.35 -3.86
C THR B 156 22.11 -0.73 -3.74
N TYR B 157 22.54 -0.06 -4.81
CA TYR B 157 23.84 0.59 -4.85
C TYR B 157 23.69 2.06 -5.13
N ARG B 158 24.70 2.82 -4.76
CA ARG B 158 24.76 4.23 -5.08
C ARG B 158 26.10 4.50 -5.70
N LEU B 159 26.09 5.19 -6.83
CA LEU B 159 27.30 5.56 -7.54
C LEU B 159 27.41 7.07 -7.50
N ARG B 160 28.58 7.59 -7.12
CA ARG B 160 28.74 9.04 -7.01
C ARG B 160 30.17 9.46 -7.33
N ARG B 161 30.31 10.32 -8.33
CA ARG B 161 31.59 10.90 -8.79
C ARG B 161 31.98 12.06 -7.86
N GLY B 162 33.27 12.20 -7.61
CA GLY B 162 33.79 13.30 -6.80
C GLY B 162 35.28 13.23 -6.58
N GLU B 163 35.78 14.08 -5.68
CA GLU B 163 37.19 14.07 -5.30
C GLU B 163 37.32 13.00 -4.25
N VAL B 164 37.34 11.74 -4.69
CA VAL B 164 37.31 10.56 -3.82
C VAL B 164 38.50 10.55 -2.87
N THR B 165 39.65 10.99 -3.39
CA THR B 165 40.91 11.11 -2.66
C THR B 165 41.49 12.46 -3.10
N PRO B 166 42.37 13.12 -2.32
CA PRO B 166 42.82 14.49 -2.71
C PRO B 166 43.43 14.61 -4.11
N GLY B 167 42.86 15.53 -4.89
CA GLY B 167 43.28 15.84 -6.26
C GLY B 167 42.84 14.82 -7.29
N ALA B 168 42.10 13.79 -6.86
CA ALA B 168 41.62 12.78 -7.80
C ALA B 168 40.21 13.04 -8.25
N ASP B 169 39.87 12.46 -9.39
CA ASP B 169 38.54 12.49 -10.00
C ASP B 169 38.14 11.05 -10.06
N GLY B 170 37.20 10.65 -9.23
CA GLY B 170 36.83 9.24 -9.21
C GLY B 170 35.38 9.04 -8.82
N TRP B 171 35.04 7.80 -8.55
CA TRP B 171 33.69 7.41 -8.15
C TRP B 171 33.69 6.62 -6.86
N THR B 172 32.63 6.76 -6.05
CA THR B 172 32.44 5.92 -4.89
C THR B 172 31.28 5.00 -5.19
N LEU B 173 31.47 3.68 -5.01
CA LEU B 173 30.38 2.73 -5.09
C LEU B 173 29.98 2.40 -3.67
N SER B 174 28.70 2.63 -3.31
CA SER B 174 28.18 2.40 -1.96
C SER B 174 27.08 1.36 -1.97
N GLU B 175 26.89 0.71 -0.82
CA GLU B 175 25.82 -0.29 -0.68
C GLU B 175 24.83 0.31 0.28
N ALA B 176 23.53 -0.04 0.12
CA ALA B 176 22.49 0.44 1.03
C ALA B 176 22.84 -0.01 2.46
N ALA B 177 22.74 0.94 3.40
CA ALA B 177 23.09 0.76 4.82
C ALA B 177 22.29 -0.38 5.46
N GLY B 178 22.90 -1.06 6.43
CA GLY B 178 22.30 -2.15 7.18
C GLY B 178 21.76 -3.26 6.29
N ASP B 179 22.53 -3.60 5.23
CA ASP B 179 22.19 -4.63 4.24
C ASP B 179 20.86 -4.32 3.54
N GLY B 180 20.57 -3.04 3.34
CA GLY B 180 19.36 -2.55 2.69
C GLY B 180 18.18 -2.33 3.62
N SER B 181 18.36 -2.49 4.94
CA SER B 181 17.25 -2.32 5.88
C SER B 181 17.12 -0.89 6.38
N GLU B 182 18.10 -0.04 6.13
CA GLU B 182 18.02 1.31 6.65
C GLU B 182 18.25 2.33 5.56
N PRO B 183 17.79 3.59 5.70
CA PRO B 183 18.18 4.59 4.71
C PRO B 183 19.66 4.86 4.91
N GLY B 184 20.28 5.48 3.94
CA GLY B 184 21.70 5.79 4.02
C GLY B 184 22.54 4.83 3.21
N TRP B 185 23.80 5.14 3.12
CA TRP B 185 24.75 4.40 2.30
C TRP B 185 25.98 4.07 3.06
N LEU B 186 26.63 2.93 2.74
CA LEU B 186 27.94 2.52 3.26
C LEU B 186 28.90 2.47 2.08
N SER B 187 30.00 3.26 2.11
CA SER B 187 30.94 3.19 0.98
C SER B 187 31.57 1.82 0.91
N ARG B 188 31.59 1.22 -0.30
CA ARG B 188 32.27 -0.06 -0.50
C ARG B 188 33.69 0.24 -0.95
N HIS B 189 33.82 0.84 -2.11
CA HIS B 189 35.12 1.21 -2.65
C HIS B 189 35.07 2.51 -3.44
N THR B 190 36.25 3.10 -3.68
CA THR B 190 36.43 4.24 -4.55
C THR B 190 37.27 3.78 -5.73
N PHE B 191 37.06 4.36 -6.90
CA PHE B 191 37.88 3.97 -8.05
C PHE B 191 38.10 5.15 -8.97
N VAL B 192 39.16 5.06 -9.76
CA VAL B 192 39.57 5.99 -10.81
C VAL B 192 39.66 5.17 -12.09
N LEU B 193 39.48 5.84 -13.23
CA LEU B 193 39.49 5.12 -14.50
C LEU B 193 40.88 4.89 -15.09
N GLU B 194 41.97 5.24 -14.37
CA GLU B 194 43.32 4.99 -14.89
C GLU B 194 43.47 3.53 -15.35
N PRO B 195 43.81 3.26 -16.64
CA PRO B 195 43.90 1.84 -17.07
C PRO B 195 44.95 1.05 -16.30
N GLN B 196 44.59 -0.20 -15.95
CA GLN B 196 45.44 -1.12 -15.23
C GLN B 196 45.53 -2.42 -16.00
N TYR B 197 46.63 -3.13 -15.85
CA TYR B 197 46.89 -4.33 -16.65
C TYR B 197 47.15 -5.55 -15.80
N PRO B 198 47.13 -6.77 -16.41
CA PRO B 198 47.42 -8.00 -15.66
C PRO B 198 48.72 -7.94 -14.84
N ILE B 199 49.78 -7.26 -15.35
CA ILE B 199 51.04 -7.08 -14.61
C ILE B 199 50.78 -6.31 -13.26
N ASP B 200 49.89 -5.29 -13.29
CA ASP B 200 49.55 -4.50 -12.10
C ASP B 200 48.79 -5.38 -11.09
N TYR B 201 47.93 -6.24 -11.62
CA TYR B 201 47.15 -7.15 -10.78
C TYR B 201 48.07 -8.17 -10.10
N ARG B 202 49.16 -8.58 -10.76
CA ARG B 202 50.12 -9.52 -10.14
C ARG B 202 50.86 -8.86 -8.98
N ALA B 203 51.30 -7.59 -9.16
CA ALA B 203 52.01 -6.81 -8.15
C ALA B 203 51.10 -6.53 -6.94
N ALA B 204 49.81 -6.20 -7.21
CA ALA B 204 48.81 -5.93 -6.18
C ALA B 204 48.42 -7.20 -5.47
N SER B 205 48.26 -8.31 -6.21
CA SER B 205 47.93 -9.62 -5.64
C SER B 205 49.04 -10.14 -4.72
N TYR B 206 50.32 -9.86 -5.04
CA TYR B 206 51.43 -10.23 -4.16
C TYR B 206 51.23 -9.64 -2.77
N PHE B 207 50.86 -8.34 -2.70
CA PHE B 207 50.57 -7.61 -1.45
C PHE B 207 49.36 -8.23 -0.76
N VAL B 208 48.24 -8.38 -1.51
CA VAL B 208 46.99 -8.89 -0.96
C VAL B 208 47.15 -10.34 -0.41
N ALA B 209 47.88 -11.21 -1.13
CA ALA B 209 48.01 -12.61 -0.71
C ALA B 209 49.00 -12.86 0.45
N SER B 210 50.05 -12.01 0.64
CA SER B 210 51.02 -12.32 1.70
C SER B 210 51.31 -11.20 2.72
N SER B 211 50.99 -9.92 2.43
CA SER B 211 51.30 -8.85 3.37
C SER B 211 50.49 -8.97 4.67
N PRO B 212 51.14 -8.73 5.84
CA PRO B 212 50.40 -8.76 7.12
C PRO B 212 49.44 -7.57 7.24
N HIS B 213 49.64 -6.53 6.41
CA HIS B 213 48.79 -5.34 6.35
C HIS B 213 47.61 -5.54 5.35
N SER B 214 47.42 -6.79 4.89
CA SER B 214 46.31 -7.24 4.05
C SER B 214 45.45 -8.23 4.88
N PRO B 215 44.14 -7.98 5.08
CA PRO B 215 43.33 -8.91 5.92
C PRO B 215 43.13 -10.28 5.28
N PHE B 216 43.11 -10.32 3.93
CA PHE B 216 42.88 -11.53 3.13
C PHE B 216 44.07 -12.51 3.13
N SER B 217 45.22 -12.13 3.74
CA SER B 217 46.40 -12.99 3.77
C SER B 217 46.38 -14.05 4.87
N THR B 218 45.81 -13.75 6.06
CA THR B 218 45.89 -14.71 7.16
C THR B 218 44.57 -15.38 7.58
N ARG B 219 43.39 -14.80 7.28
CA ARG B 219 42.13 -15.39 7.74
C ARG B 219 41.15 -15.63 6.61
N ALA B 220 40.45 -16.78 6.65
CA ALA B 220 39.50 -17.25 5.65
C ALA B 220 38.38 -16.22 5.42
N PHE B 221 38.12 -15.93 4.14
CA PHE B 221 37.04 -15.04 3.74
C PHE B 221 36.40 -15.67 2.53
N VAL B 222 35.16 -16.14 2.69
CA VAL B 222 34.43 -16.84 1.62
C VAL B 222 33.10 -16.14 1.41
N GLN B 223 32.68 -15.92 0.14
CA GLN B 223 31.45 -15.16 -0.11
C GLN B 223 30.60 -15.78 -1.20
N GLN B 224 29.28 -15.51 -1.12
CA GLN B 224 28.33 -15.95 -2.14
C GLN B 224 27.18 -14.97 -2.16
N ILE B 225 26.71 -14.59 -3.36
CA ILE B 225 25.57 -13.69 -3.48
C ILE B 225 24.54 -14.32 -4.42
N SER B 226 23.28 -14.04 -4.13
CA SER B 226 22.11 -14.47 -4.89
C SER B 226 21.24 -13.23 -5.08
N PRO B 227 20.17 -13.27 -5.91
CA PRO B 227 19.30 -12.08 -6.03
C PRO B 227 18.64 -11.67 -4.71
N ASP B 228 18.36 -12.62 -3.81
CA ASP B 228 17.66 -12.23 -2.58
C ASP B 228 18.33 -12.80 -1.33
N HIS B 229 19.66 -13.00 -1.38
CA HIS B 229 20.38 -13.57 -0.26
C HIS B 229 21.87 -13.50 -0.43
N ALA B 230 22.61 -13.65 0.68
CA ALA B 230 24.06 -13.74 0.64
C ALA B 230 24.61 -14.43 1.87
N TYR B 231 25.78 -15.03 1.73
CA TYR B 231 26.54 -15.66 2.81
C TYR B 231 27.93 -15.17 2.76
N ILE B 232 28.49 -14.94 3.94
CA ILE B 232 29.88 -14.53 4.10
C ILE B 232 30.46 -15.33 5.25
N LEU B 233 31.54 -16.06 5.01
CA LEU B 233 32.27 -16.72 6.09
C LEU B 233 33.44 -15.81 6.43
N ASP B 234 33.41 -15.23 7.63
CA ASP B 234 34.45 -14.34 8.12
C ASP B 234 35.28 -15.18 9.12
N HIS B 235 36.31 -15.88 8.62
CA HIS B 235 37.20 -16.80 9.37
C HIS B 235 36.35 -18.03 9.82
N ARG B 236 35.79 -18.01 11.04
CA ARG B 236 34.92 -19.08 11.57
C ARG B 236 33.49 -18.58 11.82
N GLU B 237 33.23 -17.30 11.51
CA GLU B 237 31.91 -16.69 11.73
C GLU B 237 31.10 -16.69 10.46
N LEU B 238 29.98 -17.41 10.46
CA LEU B 238 29.14 -17.45 9.26
C LEU B 238 28.08 -16.38 9.33
N HIS B 239 28.09 -15.45 8.39
CA HIS B 239 27.09 -14.40 8.26
C HIS B 239 26.05 -14.81 7.24
N GLU B 240 24.77 -14.74 7.60
CA GLU B 240 23.69 -15.02 6.64
C GLU B 240 22.93 -13.73 6.45
N ILE B 241 22.92 -13.18 5.24
CA ILE B 241 22.36 -11.87 4.95
C ILE B 241 21.07 -11.95 4.14
N GLN B 242 20.04 -11.25 4.60
CA GLN B 242 18.75 -11.11 3.93
C GLN B 242 18.64 -9.65 3.47
N PRO B 243 18.93 -9.36 2.19
CA PRO B 243 18.86 -7.97 1.72
C PRO B 243 17.50 -7.34 2.02
N GLY B 244 17.53 -6.11 2.52
CA GLY B 244 16.32 -5.38 2.93
C GLY B 244 15.89 -5.66 4.36
N VAL B 245 16.53 -6.63 5.04
CA VAL B 245 16.18 -6.99 6.43
C VAL B 245 17.39 -6.87 7.37
N GLY B 246 18.50 -7.50 7.00
CA GLY B 246 19.70 -7.49 7.83
C GLY B 246 20.41 -8.81 7.81
N ARG B 247 21.09 -9.15 8.92
CA ARG B 247 21.85 -10.38 8.96
C ARG B 247 21.92 -10.99 10.34
N LYS B 248 22.25 -12.28 10.36
CA LYS B 248 22.49 -13.04 11.57
C LYS B 248 23.87 -13.67 11.44
N THR B 249 24.53 -13.95 12.56
CA THR B 249 25.87 -14.52 12.60
C THR B 249 25.95 -15.67 13.58
N ARG B 250 26.78 -16.67 13.27
CA ARG B 250 27.01 -17.82 14.13
C ARG B 250 28.45 -18.31 14.00
N GLN B 251 29.06 -18.71 15.14
CA GLN B 251 30.42 -19.23 15.15
C GLN B 251 30.38 -20.70 14.80
N LEU B 252 31.33 -21.12 13.97
CA LEU B 252 31.46 -22.52 13.57
C LEU B 252 32.69 -23.12 14.20
N THR B 253 32.65 -24.45 14.47
CA THR B 253 33.83 -25.17 14.94
C THR B 253 34.73 -25.37 13.70
N PRO B 254 36.03 -25.70 13.82
CA PRO B 254 36.83 -25.95 12.61
C PRO B 254 36.21 -27.04 11.71
N ALA B 255 35.61 -28.09 12.31
CA ALA B 255 34.95 -29.15 11.55
C ALA B 255 33.69 -28.63 10.84
N GLU B 256 32.89 -27.74 11.51
CA GLU B 256 31.67 -27.18 10.90
C GLU B 256 32.03 -26.25 9.74
N VAL B 257 33.23 -25.63 9.77
CA VAL B 257 33.71 -24.76 8.67
C VAL B 257 33.88 -25.61 7.41
N LEU B 258 34.59 -26.76 7.48
CA LEU B 258 34.73 -27.64 6.31
C LEU B 258 33.37 -28.11 5.80
N ALA B 259 32.45 -28.42 6.75
CA ALA B 259 31.08 -28.83 6.42
C ALA B 259 30.34 -27.74 5.65
N THR B 260 30.31 -26.51 6.21
CA THR B 260 29.66 -25.32 5.63
C THR B 260 30.30 -24.99 4.27
N LEU B 261 31.63 -25.08 4.17
CA LEU B 261 32.31 -24.79 2.89
C LEU B 261 31.76 -25.68 1.75
N ARG B 262 31.57 -26.98 2.03
CA ARG B 262 31.03 -27.94 1.05
C ARG B 262 29.52 -27.75 0.83
N GLU B 263 28.73 -27.73 1.92
CA GLU B 263 27.27 -27.65 1.84
C GLU B 263 26.76 -26.28 1.34
N ILE B 264 27.26 -25.16 1.90
CA ILE B 264 26.76 -23.83 1.51
C ILE B 264 27.48 -23.30 0.29
N PHE B 265 28.81 -23.37 0.27
CA PHE B 265 29.57 -22.73 -0.80
C PHE B 265 30.06 -23.67 -1.91
N GLY B 266 29.98 -24.98 -1.71
CA GLY B 266 30.44 -25.97 -2.69
C GLY B 266 31.95 -25.98 -2.84
N ILE B 267 32.66 -25.67 -1.75
CA ILE B 267 34.11 -25.63 -1.72
C ILE B 267 34.62 -26.82 -0.92
N GLU B 268 35.53 -27.60 -1.52
CA GLU B 268 36.17 -28.76 -0.87
C GLU B 268 37.64 -28.74 -1.22
N LEU B 269 38.49 -28.89 -0.19
CA LEU B 269 39.94 -28.88 -0.39
C LEU B 269 40.46 -30.31 -0.43
N GLY B 270 41.70 -30.47 -0.92
CA GLY B 270 42.40 -31.74 -0.92
C GLY B 270 42.71 -32.11 0.51
N ALA B 271 42.84 -33.43 0.81
CA ALA B 271 43.09 -33.98 2.14
C ALA B 271 44.14 -33.19 2.95
N ASP B 272 45.27 -32.79 2.31
CA ASP B 272 46.37 -32.03 2.92
C ASP B 272 46.02 -30.57 3.19
N ASP B 273 45.33 -29.90 2.24
CA ASP B 273 44.92 -28.50 2.45
C ASP B 273 43.82 -28.41 3.50
N SER B 274 42.94 -29.43 3.54
CA SER B 274 41.86 -29.59 4.51
C SER B 274 42.44 -29.69 5.94
N THR B 275 43.52 -30.50 6.10
CA THR B 275 44.24 -30.69 7.37
C THR B 275 44.89 -29.36 7.82
N LEU B 276 45.56 -28.67 6.87
CA LEU B 276 46.20 -27.38 7.15
C LEU B 276 45.17 -26.29 7.44
N LEU B 277 43.99 -26.32 6.78
CA LEU B 277 42.98 -25.27 7.06
C LEU B 277 42.49 -25.38 8.50
N LEU B 278 42.19 -26.61 8.97
CA LEU B 278 41.75 -26.90 10.34
C LEU B 278 42.78 -26.36 11.38
N GLU B 279 44.07 -26.42 11.04
CA GLU B 279 45.19 -25.93 11.83
C GLU B 279 45.14 -24.40 11.89
N ARG B 280 44.90 -23.73 10.74
CA ARG B 280 44.78 -22.27 10.66
C ARG B 280 43.51 -21.75 11.38
N LEU B 281 42.47 -22.61 11.46
CA LEU B 281 41.19 -22.30 12.11
C LEU B 281 41.24 -22.53 13.64
N ALA B 282 41.89 -23.63 14.10
CA ALA B 282 42.01 -23.94 15.53
C ALA B 282 43.13 -23.11 16.22
N GLU B 283 43.87 -22.30 15.41
CA GLU B 283 44.96 -21.41 15.83
C GLU B 283 44.51 -20.44 16.94
N GLN B 284 45.45 -20.08 17.85
CA GLN B 284 45.27 -19.20 19.01
C GLN B 284 44.27 -19.80 19.99
N VAL C 1 -61.09 1.73 31.21
CA VAL C 1 -59.69 1.94 31.57
C VAL C 1 -59.26 3.36 31.08
N PRO C 2 -58.62 4.19 31.97
CA PRO C 2 -58.18 5.54 31.55
C PRO C 2 -57.23 5.51 30.34
N ARG C 3 -57.39 6.50 29.43
CA ARG C 3 -56.60 6.62 28.21
C ARG C 3 -55.12 6.90 28.50
N GLY C 4 -54.26 6.18 27.78
CA GLY C 4 -52.79 6.34 27.87
C GLY C 4 -52.33 7.70 27.35
N SER C 5 -51.05 8.00 27.53
CA SER C 5 -50.50 9.29 27.09
C SER C 5 -50.31 9.34 25.58
N HIS C 6 -49.97 8.19 24.92
CA HIS C 6 -49.68 8.11 23.48
C HIS C 6 -48.58 9.15 23.14
N MET C 7 -47.59 9.28 24.07
CA MET C 7 -46.50 10.25 24.13
C MET C 7 -45.95 10.65 22.75
N TRP C 8 -45.51 9.66 21.97
CA TRP C 8 -44.89 9.88 20.67
C TRP C 8 -45.87 9.70 19.50
N ASN C 9 -47.18 9.47 19.78
CA ASN C 9 -48.24 9.31 18.78
C ASN C 9 -47.92 8.27 17.72
N GLY C 10 -47.49 7.08 18.17
CA GLY C 10 -47.18 5.95 17.29
C GLY C 10 -48.38 5.52 16.45
N ASP C 11 -49.57 5.49 17.07
CA ASP C 11 -50.83 5.07 16.45
C ASP C 11 -51.27 5.97 15.28
N GLU C 12 -50.82 7.24 15.23
CA GLU C 12 -51.19 8.18 14.15
C GLU C 12 -50.28 8.04 12.92
N LEU C 13 -49.18 7.30 13.07
CA LEU C 13 -48.22 7.08 11.97
C LEU C 13 -48.75 6.06 10.97
N GLN C 14 -48.53 6.32 9.68
CA GLN C 14 -48.81 5.36 8.61
C GLN C 14 -47.53 4.53 8.48
N LEU C 15 -47.44 3.46 9.27
CA LEU C 15 -46.27 2.59 9.40
C LEU C 15 -45.78 2.00 8.07
N ASP C 16 -46.68 1.36 7.28
CA ASP C 16 -46.28 0.72 6.02
C ASP C 16 -45.83 1.78 5.01
N GLU C 17 -46.54 2.92 4.96
CA GLU C 17 -46.22 4.01 4.02
C GLU C 17 -44.84 4.60 4.36
N TYR C 18 -44.54 4.74 5.64
CA TYR C 18 -43.25 5.27 6.11
C TYR C 18 -42.14 4.31 5.75
N LEU C 19 -42.33 3.00 6.06
CA LEU C 19 -41.29 1.99 5.81
C LEU C 19 -41.00 1.83 4.32
N ALA C 20 -42.03 1.94 3.46
CA ALA C 20 -41.86 1.82 2.01
C ALA C 20 -41.04 3.00 1.50
N PHE C 21 -41.34 4.23 2.01
CA PHE C 21 -40.67 5.47 1.63
C PHE C 21 -39.18 5.43 1.95
N ILE C 22 -38.82 4.92 3.15
CA ILE C 22 -37.44 4.82 3.60
C ILE C 22 -36.79 3.53 3.02
N GLY C 23 -37.54 2.77 2.24
CA GLY C 23 -37.05 1.56 1.59
C GLY C 23 -36.75 0.43 2.55
N PHE C 24 -37.48 0.40 3.68
CA PHE C 24 -37.33 -0.65 4.68
C PHE C 24 -38.19 -1.86 4.32
N ASP C 25 -37.63 -3.07 4.49
CA ASP C 25 -38.34 -4.33 4.32
C ASP C 25 -37.73 -5.36 5.26
N GLY C 26 -38.43 -6.47 5.45
CA GLY C 26 -37.97 -7.55 6.30
C GLY C 26 -38.50 -7.49 7.71
N ASP C 27 -37.80 -8.17 8.62
CA ASP C 27 -38.12 -8.30 10.05
C ASP C 27 -38.28 -6.91 10.67
N ARG C 28 -39.38 -6.71 11.41
CA ARG C 28 -39.77 -5.46 12.07
C ARG C 28 -39.62 -5.54 13.60
N SER C 29 -39.05 -6.66 14.11
CA SER C 29 -38.81 -6.90 15.55
C SER C 29 -37.97 -5.77 16.17
N PRO C 30 -38.21 -5.35 17.45
CA PRO C 30 -37.41 -4.25 18.01
C PRO C 30 -36.00 -4.69 18.42
N THR C 31 -35.14 -4.83 17.41
CA THR C 31 -33.75 -5.28 17.54
C THR C 31 -32.78 -4.27 16.92
N LEU C 32 -31.46 -4.46 17.18
CA LEU C 32 -30.39 -3.62 16.64
C LEU C 32 -30.34 -3.68 15.11
N GLU C 33 -30.54 -4.88 14.54
CA GLU C 33 -30.50 -5.05 13.09
C GLU C 33 -31.62 -4.22 12.43
N THR C 34 -32.81 -4.22 13.01
CA THR C 34 -33.95 -3.44 12.51
C THR C 34 -33.61 -1.95 12.63
N LEU C 35 -33.10 -1.52 13.81
CA LEU C 35 -32.72 -0.13 14.10
C LEU C 35 -31.72 0.39 13.09
N ARG C 36 -30.71 -0.44 12.71
CA ARG C 36 -29.70 -0.04 11.72
C ARG C 36 -30.37 0.21 10.36
N ARG C 37 -31.27 -0.67 9.95
CA ARG C 37 -31.95 -0.51 8.65
C ARG C 37 -32.89 0.69 8.65
N LEU C 38 -33.49 0.99 9.83
CA LEU C 38 -34.41 2.13 10.00
C LEU C 38 -33.66 3.44 9.90
N GLN C 39 -32.55 3.59 10.63
CA GLN C 39 -31.81 4.83 10.60
C GLN C 39 -31.20 5.07 9.21
N ARG C 40 -30.58 4.04 8.60
CA ARG C 40 -29.98 4.20 7.28
C ARG C 40 -31.02 4.68 6.26
N GLY C 41 -32.18 4.01 6.19
CA GLY C 41 -33.25 4.36 5.27
C GLY C 41 -33.82 5.75 5.50
N HIS C 42 -34.00 6.10 6.78
CA HIS C 42 -34.53 7.41 7.18
C HIS C 42 -33.59 8.52 6.76
N VAL C 43 -32.31 8.42 7.15
CA VAL C 43 -31.29 9.44 6.89
C VAL C 43 -31.11 9.63 5.35
N LEU C 44 -31.10 8.55 4.60
CA LEU C 44 -30.93 8.63 3.15
C LEU C 44 -32.18 9.15 2.40
N ASN C 45 -33.41 8.90 2.90
CA ASN C 45 -34.61 9.26 2.12
C ASN C 45 -35.44 10.44 2.64
N ILE C 46 -35.52 10.64 3.97
CA ILE C 46 -36.31 11.77 4.50
C ILE C 46 -35.51 13.03 4.25
N LYS C 47 -36.13 14.01 3.57
CA LYS C 47 -35.42 15.22 3.15
C LYS C 47 -35.17 16.17 4.32
N TRP C 48 -34.13 17.03 4.20
CA TRP C 48 -33.76 17.95 5.28
C TRP C 48 -33.75 19.37 4.77
N GLU C 49 -34.56 20.24 5.37
CA GLU C 49 -34.67 21.67 5.02
C GLU C 49 -35.44 22.41 6.10
N ASN C 50 -35.33 23.74 6.12
CA ASN C 50 -35.96 24.63 7.10
C ASN C 50 -36.85 25.68 6.42
N LEU C 51 -37.28 25.44 5.16
CA LEU C 51 -37.99 26.44 4.36
C LEU C 51 -39.29 26.93 4.98
N ASP C 52 -39.97 26.12 5.83
CA ASP C 52 -41.16 26.57 6.54
C ASP C 52 -40.83 27.68 7.53
N ALA C 53 -39.67 27.58 8.22
CA ALA C 53 -39.21 28.60 9.18
C ALA C 53 -38.77 29.88 8.48
N VAL C 54 -38.09 29.73 7.32
CA VAL C 54 -37.63 30.89 6.55
C VAL C 54 -38.84 31.66 5.99
N LEU C 55 -39.89 30.94 5.52
CA LEU C 55 -41.08 31.53 4.90
C LEU C 55 -42.21 31.89 5.86
N HIS C 56 -42.35 31.17 7.00
CA HIS C 56 -43.48 31.42 7.90
C HIS C 56 -43.13 31.51 9.41
N LYS C 57 -41.86 31.31 9.81
CA LYS C 57 -41.38 31.37 11.21
C LYS C 57 -42.17 30.40 12.12
N HIS C 58 -42.71 29.32 11.52
CA HIS C 58 -43.54 28.29 12.18
C HIS C 58 -43.41 26.96 11.46
N VAL C 59 -43.33 25.87 12.26
CA VAL C 59 -43.19 24.49 11.78
C VAL C 59 -44.13 23.58 12.58
N ALA C 60 -45.03 22.85 11.89
CA ALA C 60 -45.96 21.91 12.53
C ALA C 60 -45.21 20.64 12.92
N LEU C 61 -45.32 20.20 14.18
CA LEU C 61 -44.63 18.99 14.62
C LEU C 61 -45.60 17.83 14.84
N ASP C 62 -46.92 18.06 14.71
CA ASP C 62 -47.87 16.96 14.89
C ASP C 62 -47.68 15.90 13.81
N ILE C 63 -47.74 14.60 14.19
CA ILE C 63 -47.49 13.45 13.31
C ILE C 63 -48.31 13.51 11.99
N PRO C 64 -49.65 13.78 11.98
CA PRO C 64 -50.35 13.85 10.67
C PRO C 64 -49.80 14.93 9.73
N ALA C 65 -49.47 16.15 10.24
CA ALA C 65 -48.91 17.21 9.41
C ALA C 65 -47.49 16.87 8.91
N VAL C 66 -46.66 16.26 9.78
CA VAL C 66 -45.28 15.89 9.48
C VAL C 66 -45.24 14.78 8.41
N GLN C 67 -45.97 13.64 8.62
CA GLN C 67 -45.94 12.53 7.67
C GLN C 67 -46.51 12.90 6.29
N ALA C 68 -47.52 13.79 6.24
CA ALA C 68 -48.10 14.26 4.97
C ALA C 68 -47.06 15.12 4.21
N LYS C 69 -46.38 16.03 4.92
CA LYS C 69 -45.34 16.87 4.33
C LYS C 69 -44.14 16.03 3.87
N LEU C 70 -43.55 15.22 4.78
CA LEU C 70 -42.33 14.44 4.51
C LEU C 70 -42.50 13.22 3.58
N LEU C 71 -43.66 12.54 3.58
CA LEU C 71 -43.83 11.34 2.78
C LEU C 71 -44.73 11.55 1.54
N ARG C 72 -45.58 12.60 1.53
CA ARG C 72 -46.55 12.77 0.45
C ARG C 72 -46.40 14.06 -0.38
N SER C 73 -45.38 14.88 -0.09
CA SER C 73 -45.09 16.06 -0.88
C SER C 73 -43.56 16.17 -1.14
N PRO C 74 -43.10 16.88 -2.20
CA PRO C 74 -41.63 16.99 -2.44
C PRO C 74 -40.98 17.97 -1.45
N ARG C 75 -41.02 17.60 -0.16
CA ARG C 75 -40.54 18.45 0.93
C ARG C 75 -39.72 17.69 1.96
N GLY C 76 -38.96 18.47 2.71
CA GLY C 76 -38.16 17.98 3.82
C GLY C 76 -38.49 18.69 5.12
N GLY C 77 -37.83 18.28 6.19
CA GLY C 77 -38.04 18.84 7.52
C GLY C 77 -36.74 19.02 8.28
N TYR C 78 -36.77 19.79 9.39
CA TYR C 78 -35.55 19.93 10.18
C TYR C 78 -35.59 18.98 11.39
N CYS C 79 -34.62 19.08 12.33
CA CYS C 79 -34.44 18.08 13.37
C CYS C 79 -35.73 17.63 14.10
N TYR C 80 -36.58 18.58 14.51
CA TYR C 80 -37.76 18.25 15.31
C TYR C 80 -38.84 17.54 14.49
N GLU C 81 -38.83 17.71 13.17
CA GLU C 81 -39.78 16.99 12.31
C GLU C 81 -39.33 15.54 12.16
N HIS C 82 -38.02 15.36 11.92
CA HIS C 82 -37.35 14.06 11.80
C HIS C 82 -37.50 13.24 13.08
N VAL C 83 -37.26 13.85 14.25
CA VAL C 83 -37.36 13.18 15.56
C VAL C 83 -38.82 12.79 15.84
N ALA C 84 -39.79 13.66 15.52
CA ALA C 84 -41.21 13.32 15.73
C ALA C 84 -41.56 12.07 14.94
N LEU C 85 -41.11 12.00 13.68
CA LEU C 85 -41.39 10.87 12.80
C LEU C 85 -40.66 9.62 13.23
N PHE C 86 -39.35 9.73 13.54
CA PHE C 86 -38.58 8.57 13.94
C PHE C 86 -39.04 8.05 15.29
N GLY C 87 -39.36 8.96 16.20
CA GLY C 87 -39.89 8.63 17.52
C GLY C 87 -41.17 7.84 17.42
N ALA C 88 -42.04 8.23 16.47
CA ALA C 88 -43.32 7.55 16.20
C ALA C 88 -43.08 6.13 15.71
N VAL C 89 -42.09 5.94 14.81
CA VAL C 89 -41.72 4.62 14.25
C VAL C 89 -41.19 3.74 15.35
N LEU C 90 -40.27 4.27 16.20
CA LEU C 90 -39.65 3.51 17.29
C LEU C 90 -40.73 2.99 18.26
N GLN C 91 -41.73 3.84 18.54
CA GLN C 91 -42.86 3.56 19.43
C GLN C 91 -43.72 2.45 18.85
N ARG C 92 -44.06 2.54 17.54
CA ARG C 92 -44.88 1.55 16.83
C ARG C 92 -44.23 0.20 16.74
N LEU C 93 -42.89 0.14 16.57
CA LEU C 93 -42.20 -1.13 16.42
C LEU C 93 -41.82 -1.74 17.78
N GLY C 94 -42.19 -1.07 18.87
CA GLY C 94 -42.00 -1.52 20.24
C GLY C 94 -40.60 -1.43 20.81
N PHE C 95 -39.82 -0.42 20.39
CA PHE C 95 -38.47 -0.23 20.95
C PHE C 95 -38.54 0.48 22.30
N ASP C 96 -37.54 0.24 23.17
CA ASP C 96 -37.41 0.93 24.45
C ASP C 96 -36.52 2.16 24.18
N PHE C 97 -37.11 3.36 24.13
CA PHE C 97 -36.32 4.55 23.78
C PHE C 97 -36.74 5.80 24.54
N TYR C 98 -35.92 6.87 24.40
CA TYR C 98 -36.20 8.14 25.01
C TYR C 98 -35.60 9.25 24.15
N GLY C 99 -36.14 10.44 24.30
CA GLY C 99 -35.67 11.62 23.58
C GLY C 99 -34.63 12.37 24.36
N ILE C 100 -33.69 13.00 23.64
CA ILE C 100 -32.69 13.83 24.26
C ILE C 100 -32.58 15.13 23.47
N GLN C 101 -31.80 16.08 24.00
CA GLN C 101 -31.49 17.35 23.37
C GLN C 101 -29.99 17.59 23.37
N GLY C 102 -29.50 18.12 22.26
CA GLY C 102 -28.10 18.46 22.11
C GLY C 102 -27.87 19.93 21.82
N ARG C 103 -26.65 20.41 22.10
CA ARG C 103 -26.16 21.78 21.87
C ARG C 103 -25.24 21.75 20.66
N VAL C 104 -25.69 22.33 19.52
CA VAL C 104 -24.87 22.33 18.28
C VAL C 104 -23.80 23.38 18.42
N GLN C 105 -22.56 22.94 18.49
CA GLN C 105 -21.38 23.79 18.70
C GLN C 105 -20.65 24.12 17.42
N MET C 106 -20.50 23.15 16.51
CA MET C 106 -19.73 23.28 15.25
C MET C 106 -18.37 23.96 15.50
N GLY C 107 -17.66 23.46 16.53
CA GLY C 107 -16.33 23.94 16.93
C GLY C 107 -16.23 25.03 17.97
N ALA C 108 -17.33 25.77 18.19
CA ALA C 108 -17.35 26.90 19.14
C ALA C 108 -17.21 26.44 20.60
N THR C 109 -16.47 27.21 21.41
CA THR C 109 -16.29 26.95 22.86
C THR C 109 -17.42 27.60 23.66
N THR C 110 -18.01 28.72 23.15
CA THR C 110 -19.15 29.40 23.78
C THR C 110 -20.34 28.45 23.75
N ILE C 111 -20.94 28.17 24.92
CA ILE C 111 -22.05 27.23 25.03
C ILE C 111 -23.26 27.72 24.23
N ARG C 112 -23.79 26.83 23.37
CA ARG C 112 -24.98 27.09 22.57
C ARG C 112 -26.22 26.52 23.27
N PRO C 113 -27.46 26.96 22.95
CA PRO C 113 -28.63 26.36 23.61
C PRO C 113 -28.86 24.92 23.12
N ALA C 114 -29.56 24.11 23.92
CA ALA C 114 -29.83 22.70 23.62
C ALA C 114 -30.99 22.61 22.66
N THR C 115 -30.72 22.83 21.36
CA THR C 115 -31.79 22.88 20.36
C THR C 115 -31.67 21.82 19.25
N HIS C 116 -31.02 20.69 19.53
CA HIS C 116 -30.97 19.63 18.54
C HIS C 116 -31.53 18.36 19.14
N GLY C 117 -32.70 17.94 18.67
CA GLY C 117 -33.34 16.74 19.17
C GLY C 117 -32.73 15.48 18.59
N MET C 118 -32.56 14.44 19.42
CA MET C 118 -32.05 13.11 19.07
C MET C 118 -32.78 12.08 19.90
N LEU C 119 -32.63 10.80 19.55
CA LEU C 119 -33.27 9.70 20.25
C LEU C 119 -32.24 8.68 20.69
N VAL C 120 -32.44 8.10 21.88
CA VAL C 120 -31.55 7.07 22.41
C VAL C 120 -32.37 5.79 22.53
N VAL C 121 -31.85 4.66 22.01
CA VAL C 121 -32.53 3.36 22.07
C VAL C 121 -31.76 2.44 23.05
N ARG C 122 -32.51 1.72 23.91
CA ARG C 122 -31.95 0.75 24.88
C ARG C 122 -32.10 -0.66 24.35
N LEU C 123 -30.97 -1.37 24.13
CA LEU C 123 -30.97 -2.75 23.63
C LEU C 123 -29.99 -3.58 24.43
N ALA C 124 -30.54 -4.53 25.21
CA ALA C 124 -29.82 -5.42 26.13
C ALA C 124 -29.02 -4.58 27.16
N ALA C 125 -27.72 -4.82 27.34
CA ALA C 125 -26.94 -4.04 28.31
C ALA C 125 -26.40 -2.71 27.68
N GLU C 126 -26.86 -2.35 26.47
CA GLU C 126 -26.33 -1.19 25.72
C GLU C 126 -27.33 -0.06 25.41
N GLN C 127 -26.77 1.11 25.04
CA GLN C 127 -27.50 2.29 24.60
C GLN C 127 -26.99 2.73 23.23
N TRP C 128 -27.90 3.10 22.33
CA TRP C 128 -27.61 3.49 20.96
C TRP C 128 -28.14 4.88 20.63
N LEU C 129 -27.23 5.79 20.25
CA LEU C 129 -27.58 7.14 19.84
C LEU C 129 -28.12 7.12 18.42
N CYS C 130 -29.36 7.59 18.23
CA CYS C 130 -29.96 7.71 16.91
C CYS C 130 -30.09 9.19 16.56
N ASP C 131 -29.03 9.74 15.93
CA ASP C 131 -29.02 11.15 15.49
C ASP C 131 -29.49 11.16 14.05
N VAL C 132 -30.81 11.11 13.85
CA VAL C 132 -31.43 10.94 12.53
C VAL C 132 -31.81 12.25 11.83
N GLY C 133 -31.85 13.36 12.54
CA GLY C 133 -32.30 14.61 11.97
C GLY C 133 -31.33 15.75 11.91
N PHE C 134 -30.02 15.47 11.80
CA PHE C 134 -28.99 16.52 11.75
C PHE C 134 -28.76 17.05 10.31
N GLY C 135 -29.27 16.36 9.30
CA GLY C 135 -29.03 16.76 7.91
C GLY C 135 -27.89 15.92 7.40
N THR C 136 -26.63 16.25 7.82
CA THR C 136 -25.46 15.42 7.50
C THR C 136 -25.30 14.42 8.63
N SER C 137 -26.40 13.72 8.89
CA SER C 137 -26.54 12.78 9.98
C SER C 137 -25.74 11.49 9.84
N PRO C 138 -25.33 10.89 10.97
CA PRO C 138 -24.77 9.53 10.93
C PRO C 138 -25.77 8.61 10.24
N LEU C 139 -25.24 7.70 9.40
CA LEU C 139 -26.11 6.78 8.66
C LEU C 139 -26.46 5.58 9.52
N ALA C 140 -25.83 5.44 10.70
CA ALA C 140 -26.07 4.29 11.57
C ALA C 140 -26.15 4.69 13.05
N PRO C 141 -26.90 3.93 13.88
CA PRO C 141 -26.90 4.22 15.33
C PRO C 141 -25.49 4.10 15.88
N ILE C 142 -25.14 4.91 16.85
CA ILE C 142 -23.82 4.91 17.44
C ILE C 142 -23.92 4.37 18.84
N ARG C 143 -23.13 3.32 19.14
CA ARG C 143 -23.01 2.71 20.47
C ARG C 143 -22.54 3.74 21.47
N LEU C 144 -23.33 3.95 22.50
CA LEU C 144 -22.98 4.92 23.52
C LEU C 144 -21.94 4.31 24.46
N VAL C 145 -20.70 4.71 24.25
CA VAL C 145 -19.50 4.30 25.00
C VAL C 145 -18.84 5.59 25.46
N ASP C 146 -17.88 5.53 26.40
CA ASP C 146 -17.23 6.76 26.87
C ASP C 146 -16.29 7.39 25.86
N GLU C 147 -15.76 6.60 24.92
CA GLU C 147 -14.90 7.15 23.89
C GLU C 147 -14.78 6.18 22.73
N ALA C 148 -14.91 6.69 21.48
CA ALA C 148 -14.74 5.86 20.27
C ALA C 148 -14.64 6.66 19.02
N VAL C 149 -13.84 6.13 18.06
CA VAL C 149 -13.72 6.60 16.68
C VAL C 149 -14.60 5.64 15.86
N VAL C 150 -15.57 6.17 15.12
CA VAL C 150 -16.54 5.32 14.44
C VAL C 150 -16.56 5.61 12.95
N ALA C 151 -16.39 4.56 12.14
CA ALA C 151 -16.48 4.72 10.69
C ALA C 151 -17.95 4.62 10.30
N ASP C 152 -18.40 5.54 9.46
CA ASP C 152 -19.77 5.53 9.00
C ASP C 152 -19.69 5.74 7.52
N GLU C 153 -19.45 4.65 6.77
CA GLU C 153 -19.22 4.69 5.32
C GLU C 153 -17.95 5.57 5.06
N SER C 154 -18.01 6.64 4.25
CA SER C 154 -16.80 7.47 4.03
C SER C 154 -16.62 8.56 5.10
N TRP C 155 -17.57 8.64 6.03
CA TRP C 155 -17.56 9.61 7.12
C TRP C 155 -16.96 8.98 8.34
N THR C 156 -16.37 9.80 9.22
CA THR C 156 -15.78 9.33 10.46
C THR C 156 -16.22 10.25 11.59
N TYR C 157 -16.62 9.66 12.71
CA TYR C 157 -17.07 10.40 13.87
C TYR C 157 -16.25 10.02 15.09
N ARG C 158 -16.26 10.89 16.08
CA ARG C 158 -15.62 10.63 17.36
C ARG C 158 -16.61 10.94 18.46
N LEU C 159 -16.75 10.00 19.38
CA LEU C 159 -17.66 10.16 20.52
C LEU C 159 -16.81 10.19 21.77
N ARG C 160 -16.98 11.21 22.63
CA ARG C 160 -16.17 11.32 23.84
C ARG C 160 -16.98 11.90 24.97
N ARG C 161 -17.05 11.15 26.07
CA ARG C 161 -17.73 11.51 27.33
C ARG C 161 -16.83 12.44 28.13
N GLY C 162 -17.44 13.42 28.80
CA GLY C 162 -16.74 14.35 29.67
C GLY C 162 -17.63 15.41 30.27
N GLU C 163 -17.00 16.42 30.86
CA GLU C 163 -17.68 17.59 31.41
C GLU C 163 -17.87 18.55 30.26
N VAL C 164 -18.85 18.26 29.42
CA VAL C 164 -19.14 18.97 28.18
C VAL C 164 -19.46 20.45 28.46
N THR C 165 -20.17 20.70 29.55
CA THR C 165 -20.52 22.05 30.01
C THR C 165 -20.28 22.01 31.52
N PRO C 166 -20.07 23.14 32.25
CA PRO C 166 -19.69 23.03 33.67
C PRO C 166 -20.70 22.26 34.54
N GLY C 167 -20.19 21.26 35.26
CA GLY C 167 -20.94 20.41 36.17
C GLY C 167 -21.80 19.36 35.51
N ALA C 168 -21.77 19.30 34.15
CA ALA C 168 -22.55 18.29 33.45
C ALA C 168 -21.70 17.07 33.11
N ASP C 169 -22.37 15.96 32.87
CA ASP C 169 -21.79 14.69 32.42
C ASP C 169 -22.43 14.42 31.09
N GLY C 170 -21.68 14.48 30.02
CA GLY C 170 -22.28 14.30 28.71
C GLY C 170 -21.27 13.80 27.69
N TRP C 171 -21.67 13.84 26.43
CA TRP C 171 -20.85 13.38 25.32
C TRP C 171 -20.68 14.46 24.26
N THR C 172 -19.53 14.45 23.55
CA THR C 172 -19.36 15.30 22.40
C THR C 172 -19.33 14.38 21.19
N LEU C 173 -20.15 14.67 20.18
CA LEU C 173 -20.06 13.97 18.91
C LEU C 173 -19.30 14.91 17.97
N SER C 174 -18.18 14.43 17.40
CA SER C 174 -17.33 15.24 16.50
C SER C 174 -17.27 14.60 15.12
N GLU C 175 -17.00 15.41 14.10
CA GLU C 175 -16.83 14.90 12.72
C GLU C 175 -15.37 15.05 12.38
N ALA C 176 -14.83 14.14 11.54
CA ALA C 176 -13.44 14.24 11.12
C ALA C 176 -13.20 15.61 10.46
N ALA C 177 -12.13 16.30 10.89
CA ALA C 177 -11.77 17.65 10.42
C ALA C 177 -11.63 17.70 8.89
N GLY C 178 -11.94 18.88 8.31
CA GLY C 178 -11.86 19.15 6.88
C GLY C 178 -12.61 18.15 6.02
N ASP C 179 -13.84 17.79 6.46
CA ASP C 179 -14.71 16.82 5.78
C ASP C 179 -14.00 15.45 5.60
N GLY C 180 -13.15 15.08 6.56
CA GLY C 180 -12.44 13.81 6.56
C GLY C 180 -11.09 13.81 5.89
N SER C 181 -10.64 14.95 5.36
CA SER C 181 -9.36 15.04 4.65
C SER C 181 -8.20 15.36 5.57
N GLU C 182 -8.46 15.70 6.83
CA GLU C 182 -7.36 16.08 7.71
C GLU C 182 -7.41 15.31 9.01
N PRO C 183 -6.27 15.16 9.71
CA PRO C 183 -6.35 14.56 11.05
C PRO C 183 -7.03 15.57 11.97
N GLY C 184 -7.56 15.10 13.07
CA GLY C 184 -8.23 15.98 14.02
C GLY C 184 -9.74 15.90 13.91
N TRP C 185 -10.41 16.59 14.82
CA TRP C 185 -11.85 16.54 14.95
C TRP C 185 -12.48 17.90 15.05
N LEU C 186 -13.73 18.02 14.56
CA LEU C 186 -14.54 19.23 14.70
C LEU C 186 -15.77 18.86 15.52
N SER C 187 -15.93 19.46 16.74
CA SER C 187 -17.12 19.16 17.56
C SER C 187 -18.37 19.53 16.80
N ARG C 188 -19.36 18.62 16.74
CA ARG C 188 -20.65 18.91 16.11
C ARG C 188 -21.60 19.40 17.19
N HIS C 189 -21.87 18.53 18.15
CA HIS C 189 -22.76 18.88 19.24
C HIS C 189 -22.34 18.18 20.53
N THR C 190 -22.85 18.66 21.66
CA THR C 190 -22.69 18.00 22.95
C THR C 190 -24.08 17.60 23.39
N PHE C 191 -24.22 16.49 24.12
CA PHE C 191 -25.54 16.09 24.63
C PHE C 191 -25.41 15.47 26.00
N VAL C 192 -26.54 15.46 26.73
CA VAL C 192 -26.72 14.82 28.04
C VAL C 192 -27.90 13.87 27.88
N LEU C 193 -27.97 12.83 28.70
CA LEU C 193 -29.03 11.84 28.53
C LEU C 193 -30.34 12.22 29.25
N GLU C 194 -30.46 13.45 29.78
CA GLU C 194 -31.71 13.85 30.45
C GLU C 194 -32.91 13.62 29.51
N PRO C 195 -33.90 12.78 29.89
CA PRO C 195 -35.03 12.52 28.98
C PRO C 195 -35.78 13.79 28.59
N GLN C 196 -36.13 13.88 27.30
CA GLN C 196 -36.86 15.01 26.73
C GLN C 196 -38.07 14.48 25.99
N TYR C 197 -39.12 15.28 25.91
CA TYR C 197 -40.40 14.82 25.36
C TYR C 197 -40.91 15.68 24.22
N PRO C 198 -41.94 15.21 23.47
CA PRO C 198 -42.50 16.02 22.37
C PRO C 198 -42.88 17.45 22.77
N ILE C 199 -43.34 17.67 24.03
CA ILE C 199 -43.66 19.02 24.50
C ILE C 199 -42.39 19.91 24.54
N ASP C 200 -41.22 19.33 24.90
CA ASP C 200 -39.95 20.08 24.96
C ASP C 200 -39.49 20.49 23.56
N TYR C 201 -39.72 19.61 22.61
CA TYR C 201 -39.39 19.84 21.21
C TYR C 201 -40.25 20.97 20.62
N ARG C 202 -41.51 21.11 21.06
CA ARG C 202 -42.36 22.21 20.58
C ARG C 202 -41.85 23.54 21.11
N ALA C 203 -41.48 23.59 22.40
CA ALA C 203 -40.94 24.80 23.04
C ALA C 203 -39.61 25.22 22.38
N ALA C 204 -38.73 24.23 22.10
CA ALA C 204 -37.44 24.40 21.44
C ALA C 204 -37.61 24.83 20.00
N SER C 205 -38.53 24.16 19.27
CA SER C 205 -38.83 24.44 17.87
C SER C 205 -39.35 25.88 17.69
N TYR C 206 -40.18 26.38 18.64
CA TYR C 206 -40.67 27.76 18.59
C TYR C 206 -39.51 28.76 18.50
N PHE C 207 -38.46 28.55 19.32
CA PHE C 207 -37.24 29.39 19.33
C PHE C 207 -36.48 29.23 18.00
N VAL C 208 -36.21 27.96 17.61
CA VAL C 208 -35.46 27.64 16.39
C VAL C 208 -36.13 28.23 15.12
N ALA C 209 -37.46 28.13 15.02
CA ALA C 209 -38.19 28.58 13.83
C ALA C 209 -38.38 30.11 13.73
N SER C 210 -38.44 30.86 14.87
CA SER C 210 -38.72 32.29 14.78
C SER C 210 -37.70 33.25 15.44
N SER C 211 -36.94 32.80 16.45
CA SER C 211 -36.00 33.70 17.15
C SER C 211 -34.91 34.24 16.22
N PRO C 212 -34.59 35.56 16.32
CA PRO C 212 -33.51 36.11 15.48
C PRO C 212 -32.14 35.58 15.90
N HIS C 213 -32.04 35.03 17.14
CA HIS C 213 -30.83 34.44 17.70
C HIS C 213 -30.66 32.97 17.23
N SER C 214 -31.60 32.48 16.38
CA SER C 214 -31.55 31.16 15.73
C SER C 214 -31.14 31.33 14.25
N PRO C 215 -30.08 30.62 13.78
CA PRO C 215 -29.66 30.81 12.37
C PRO C 215 -30.63 30.20 11.35
N PHE C 216 -31.46 29.22 11.78
CA PHE C 216 -32.41 28.52 10.91
C PHE C 216 -33.75 29.27 10.73
N SER C 217 -33.93 30.42 11.40
CA SER C 217 -35.19 31.16 11.30
C SER C 217 -35.28 32.04 10.05
N THR C 218 -34.17 32.67 9.60
CA THR C 218 -34.24 33.63 8.50
C THR C 218 -33.59 33.20 7.17
N ARG C 219 -32.69 32.21 7.16
CA ARG C 219 -32.02 31.87 5.89
C ARG C 219 -32.07 30.39 5.60
N ALA C 220 -32.31 30.05 4.31
CA ALA C 220 -32.43 28.70 3.76
C ALA C 220 -31.24 27.81 4.13
N PHE C 221 -31.54 26.61 4.64
CA PHE C 221 -30.52 25.62 4.97
C PHE C 221 -31.08 24.28 4.57
N VAL C 222 -30.51 23.68 3.52
CA VAL C 222 -30.98 22.41 2.96
C VAL C 222 -29.83 21.41 2.95
N GLN C 223 -30.07 20.15 3.34
CA GLN C 223 -28.97 19.19 3.47
C GLN C 223 -29.34 17.84 2.91
N GLN C 224 -28.32 17.10 2.43
CA GLN C 224 -28.49 15.73 1.94
C GLN C 224 -27.18 14.99 2.16
N ILE C 225 -27.25 13.74 2.65
CA ILE C 225 -26.03 12.95 2.85
C ILE C 225 -26.22 11.58 2.18
N SER C 226 -25.09 11.04 1.70
CA SER C 226 -24.96 9.74 1.05
C SER C 226 -23.75 9.03 1.67
N PRO C 227 -23.52 7.71 1.39
CA PRO C 227 -22.33 7.06 1.95
C PRO C 227 -21.01 7.71 1.53
N ASP C 228 -20.94 8.27 0.31
CA ASP C 228 -19.70 8.85 -0.16
C ASP C 228 -19.88 10.26 -0.74
N HIS C 229 -20.87 11.01 -0.22
CA HIS C 229 -21.12 12.37 -0.71
C HIS C 229 -22.09 13.12 0.15
N ALA C 230 -22.07 14.47 0.05
CA ALA C 230 -23.07 15.32 0.69
C ALA C 230 -23.20 16.66 -0.03
N TYR C 231 -24.38 17.26 0.10
CA TYR C 231 -24.71 18.60 -0.41
C TYR C 231 -25.35 19.38 0.68
N ILE C 232 -24.99 20.65 0.76
CA ILE C 232 -25.54 21.60 1.72
C ILE C 232 -25.80 22.91 0.99
N LEU C 233 -27.04 23.37 1.02
CA LEU C 233 -27.37 24.68 0.49
C LEU C 233 -27.43 25.63 1.67
N ASP C 234 -26.50 26.58 1.70
CA ASP C 234 -26.38 27.56 2.77
C ASP C 234 -26.85 28.88 2.17
N HIS C 235 -28.17 29.13 2.28
CA HIS C 235 -28.91 30.27 1.73
C HIS C 235 -28.86 30.16 0.18
N ARG C 236 -27.92 30.84 -0.48
CA ARG C 236 -27.77 30.77 -1.95
C ARG C 236 -26.45 30.08 -2.36
N GLU C 237 -25.63 29.67 -1.39
CA GLU C 237 -24.34 29.03 -1.64
C GLU C 237 -24.47 27.50 -1.58
N LEU C 238 -24.15 26.83 -2.68
CA LEU C 238 -24.24 25.36 -2.71
C LEU C 238 -22.89 24.76 -2.42
N HIS C 239 -22.80 23.99 -1.34
CA HIS C 239 -21.60 23.26 -0.91
C HIS C 239 -21.70 21.83 -1.41
N GLU C 240 -20.68 21.35 -2.14
CA GLU C 240 -20.66 19.96 -2.59
C GLU C 240 -19.51 19.29 -1.87
N ILE C 241 -19.79 18.29 -1.04
CA ILE C 241 -18.79 17.67 -0.17
C ILE C 241 -18.43 16.27 -0.63
N GLN C 242 -17.13 16.00 -0.70
CA GLN C 242 -16.54 14.71 -1.00
C GLN C 242 -15.83 14.26 0.27
N PRO C 243 -16.48 13.40 1.07
CA PRO C 243 -15.84 12.92 2.32
C PRO C 243 -14.45 12.34 2.05
N GLY C 244 -13.50 12.69 2.90
CA GLY C 244 -12.11 12.27 2.75
C GLY C 244 -11.28 13.17 1.85
N VAL C 245 -11.90 14.12 1.14
CA VAL C 245 -11.20 15.03 0.21
C VAL C 245 -11.43 16.51 0.58
N GLY C 246 -12.70 16.89 0.69
CA GLY C 246 -13.04 18.27 1.02
C GLY C 246 -14.29 18.73 0.31
N ARG C 247 -14.38 20.05 0.06
CA ARG C 247 -15.58 20.58 -0.54
C ARG C 247 -15.30 21.74 -1.47
N LYS C 248 -16.26 22.02 -2.35
CA LYS C 248 -16.27 23.14 -3.26
C LYS C 248 -17.59 23.86 -3.04
N THR C 249 -17.62 25.15 -3.32
CA THR C 249 -18.78 26.00 -3.10
C THR C 249 -19.02 26.87 -4.30
N ARG C 250 -20.29 27.13 -4.59
CA ARG C 250 -20.67 28.00 -5.69
C ARG C 250 -21.97 28.73 -5.36
N GLN C 251 -22.04 30.03 -5.73
CA GLN C 251 -23.20 30.88 -5.49
C GLN C 251 -24.24 30.63 -6.57
N LEU C 252 -25.50 30.54 -6.16
CA LEU C 252 -26.63 30.35 -7.07
C LEU C 252 -27.47 31.60 -7.13
N THR C 253 -28.06 31.88 -8.31
CA THR C 253 -29.01 32.97 -8.48
C THR C 253 -30.34 32.53 -7.84
N PRO C 254 -31.30 33.44 -7.53
CA PRO C 254 -32.59 33.00 -6.98
C PRO C 254 -33.26 31.91 -7.84
N ALA C 255 -33.19 32.03 -9.18
CA ALA C 255 -33.77 31.03 -10.10
C ALA C 255 -33.04 29.69 -9.99
N GLU C 256 -31.69 29.71 -9.91
CA GLU C 256 -30.89 28.48 -9.81
C GLU C 256 -31.14 27.75 -8.49
N VAL C 257 -31.49 28.48 -7.41
CA VAL C 257 -31.81 27.87 -6.12
C VAL C 257 -33.04 26.96 -6.29
N LEU C 258 -34.13 27.49 -6.90
CA LEU C 258 -35.34 26.68 -7.15
C LEU C 258 -35.01 25.47 -8.02
N ALA C 259 -34.11 25.67 -9.02
CA ALA C 259 -33.68 24.58 -9.92
C ALA C 259 -32.93 23.51 -9.15
N THR C 260 -31.94 23.93 -8.33
CA THR C 260 -31.10 23.05 -7.51
C THR C 260 -31.97 22.34 -6.47
N LEU C 261 -32.93 23.04 -5.86
CA LEU C 261 -33.84 22.42 -4.87
C LEU C 261 -34.57 21.22 -5.46
N ARG C 262 -35.06 21.35 -6.72
CA ARG C 262 -35.77 20.26 -7.41
C ARG C 262 -34.79 19.19 -7.92
N GLU C 263 -33.78 19.58 -8.69
CA GLU C 263 -32.85 18.63 -9.32
C GLU C 263 -31.94 17.88 -8.31
N ILE C 264 -31.31 18.60 -7.35
CA ILE C 264 -30.39 17.96 -6.41
C ILE C 264 -31.12 17.41 -5.20
N PHE C 265 -32.02 18.20 -4.61
CA PHE C 265 -32.66 17.82 -3.36
C PHE C 265 -34.06 17.22 -3.44
N GLY C 266 -34.71 17.32 -4.61
CA GLY C 266 -36.08 16.83 -4.79
C GLY C 266 -37.11 17.64 -4.03
N ILE C 267 -36.80 18.92 -3.77
CA ILE C 267 -37.68 19.85 -3.05
C ILE C 267 -38.33 20.82 -4.05
N GLU C 268 -39.66 20.92 -3.99
CA GLU C 268 -40.46 21.83 -4.83
C GLU C 268 -41.54 22.46 -3.97
N LEU C 269 -41.62 23.78 -4.00
CA LEU C 269 -42.62 24.51 -3.22
C LEU C 269 -43.85 24.81 -4.08
N GLY C 270 -44.94 25.19 -3.41
CA GLY C 270 -46.16 25.62 -4.08
C GLY C 270 -45.91 26.97 -4.72
N ALA C 271 -46.73 27.33 -5.74
CA ALA C 271 -46.62 28.57 -6.53
C ALA C 271 -46.30 29.80 -5.67
N ASP C 272 -47.07 30.04 -4.59
CA ASP C 272 -46.94 31.18 -3.68
C ASP C 272 -45.71 31.11 -2.78
N ASP C 273 -45.36 29.92 -2.27
CA ASP C 273 -44.17 29.76 -1.41
C ASP C 273 -42.89 29.91 -2.24
N SER C 274 -42.94 29.48 -3.52
CA SER C 274 -41.85 29.60 -4.50
C SER C 274 -41.60 31.08 -4.82
N THR C 275 -42.69 31.89 -4.94
CA THR C 275 -42.65 33.33 -5.17
C THR C 275 -42.02 34.03 -3.97
N LEU C 276 -42.48 33.66 -2.76
CA LEU C 276 -41.99 34.22 -1.51
C LEU C 276 -40.54 33.80 -1.25
N LEU C 277 -40.14 32.56 -1.60
CA LEU C 277 -38.75 32.15 -1.39
C LEU C 277 -37.79 33.01 -2.22
N LEU C 278 -38.12 33.23 -3.52
CA LEU C 278 -37.36 34.08 -4.45
C LEU C 278 -37.16 35.49 -3.89
N GLU C 279 -38.19 36.00 -3.20
CA GLU C 279 -38.21 37.30 -2.53
C GLU C 279 -37.21 37.30 -1.38
N ARG C 280 -37.26 36.26 -0.51
CA ARG C 280 -36.33 36.08 0.63
C ARG C 280 -34.88 35.90 0.15
N LEU C 281 -34.68 35.23 -1.00
CA LEU C 281 -33.37 34.97 -1.58
C LEU C 281 -32.74 36.24 -2.15
N ALA C 282 -33.55 37.10 -2.79
CA ALA C 282 -33.12 38.37 -3.37
C ALA C 282 -33.50 39.51 -2.41
N GLU C 283 -32.74 39.65 -1.31
CA GLU C 283 -32.94 40.67 -0.27
C GLU C 283 -31.66 41.43 0.06
N GLN C 284 -31.83 42.64 0.66
CA GLN C 284 -30.80 43.59 1.14
C GLN C 284 -30.01 44.22 -0.01
N VAL D 1 23.70 -25.47 -8.07
CA VAL D 1 22.27 -25.25 -8.34
C VAL D 1 21.87 -23.84 -7.82
N PRO D 2 21.19 -23.00 -8.64
CA PRO D 2 20.79 -21.65 -8.16
C PRO D 2 19.87 -21.70 -6.95
N ARG D 3 20.06 -20.76 -6.01
CA ARG D 3 19.26 -20.66 -4.78
C ARG D 3 17.80 -20.32 -5.10
N GLY D 4 16.88 -21.07 -4.49
CA GLY D 4 15.45 -20.88 -4.62
C GLY D 4 14.96 -19.56 -4.05
N SER D 5 13.67 -19.25 -4.25
CA SER D 5 13.08 -18.00 -3.76
C SER D 5 12.92 -17.99 -2.24
N HIS D 6 12.56 -19.17 -1.62
CA HIS D 6 12.29 -19.32 -0.17
C HIS D 6 11.18 -18.31 0.23
N MET D 7 10.16 -18.16 -0.66
CA MET D 7 9.05 -17.21 -0.67
C MET D 7 8.52 -16.88 0.73
N TRP D 8 8.11 -17.90 1.48
CA TRP D 8 7.51 -17.71 2.80
C TRP D 8 8.51 -17.91 3.95
N ASN D 9 9.79 -18.14 3.63
CA ASN D 9 10.88 -18.32 4.60
C ASN D 9 10.57 -19.39 5.64
N GLY D 10 10.11 -20.55 5.18
CA GLY D 10 9.81 -21.69 6.03
C GLY D 10 11.02 -22.20 6.82
N ASP D 11 12.21 -22.14 6.21
CA ASP D 11 13.47 -22.61 6.80
C ASP D 11 13.91 -21.77 8.02
N GLU D 12 13.50 -20.48 8.10
CA GLU D 12 13.86 -19.57 9.20
C GLU D 12 12.98 -19.77 10.44
N LEU D 13 11.85 -20.49 10.28
CA LEU D 13 10.93 -20.75 11.36
C LEU D 13 11.45 -21.82 12.30
N GLN D 14 11.24 -21.61 13.61
CA GLN D 14 11.55 -22.59 14.65
C GLN D 14 10.27 -23.41 14.77
N LEU D 15 10.16 -24.48 13.96
CA LEU D 15 8.97 -25.33 13.80
C LEU D 15 8.49 -25.95 15.11
N ASP D 16 9.36 -26.69 15.86
CA ASP D 16 8.95 -27.34 17.11
C ASP D 16 8.50 -26.34 18.15
N GLU D 17 9.19 -25.18 18.21
CA GLU D 17 8.88 -24.11 19.15
C GLU D 17 7.48 -23.52 18.85
N TYR D 18 7.19 -23.29 17.57
CA TYR D 18 5.89 -22.76 17.16
C TYR D 18 4.80 -23.76 17.50
N LEU D 19 5.02 -25.05 17.13
CA LEU D 19 4.01 -26.10 17.32
C LEU D 19 3.71 -26.36 18.79
N ALA D 20 4.72 -26.21 19.67
CA ALA D 20 4.55 -26.38 21.11
C ALA D 20 3.72 -25.21 21.66
N PHE D 21 4.05 -23.97 21.21
CA PHE D 21 3.36 -22.74 21.61
C PHE D 21 1.87 -22.78 21.27
N ILE D 22 1.50 -23.28 20.07
CA ILE D 22 0.11 -23.37 19.65
C ILE D 22 -0.57 -24.67 20.17
N GLY D 23 0.17 -25.47 20.95
CA GLY D 23 -0.34 -26.71 21.54
C GLY D 23 -0.63 -27.81 20.53
N PHE D 24 0.13 -27.83 19.43
CA PHE D 24 -0.03 -28.83 18.39
C PHE D 24 0.84 -30.06 18.69
N ASP D 25 0.26 -31.25 18.52
CA ASP D 25 0.98 -32.52 18.64
C ASP D 25 0.37 -33.55 17.68
N GLY D 26 1.10 -34.62 17.42
CA GLY D 26 0.67 -35.69 16.54
C GLY D 26 1.19 -35.53 15.13
N ASP D 27 0.47 -36.16 14.18
CA ASP D 27 0.76 -36.21 12.74
C ASP D 27 0.93 -34.80 12.17
N ARG D 28 2.06 -34.57 11.46
CA ARG D 28 2.43 -33.29 10.84
C ARG D 28 2.26 -33.34 9.32
N SER D 29 1.68 -34.44 8.78
CA SER D 29 1.45 -34.61 7.33
C SER D 29 0.60 -33.46 6.75
N PRO D 30 0.87 -32.95 5.53
CA PRO D 30 0.07 -31.83 5.00
C PRO D 30 -1.35 -32.26 4.57
N THR D 31 -2.23 -32.43 5.57
CA THR D 31 -3.62 -32.86 5.40
C THR D 31 -4.63 -31.88 6.06
N LEU D 32 -5.94 -32.10 5.82
CA LEU D 32 -7.03 -31.29 6.39
C LEU D 32 -7.09 -31.42 7.91
N GLU D 33 -6.93 -32.65 8.43
CA GLU D 33 -6.92 -32.93 9.87
C GLU D 33 -5.81 -32.08 10.56
N THR D 34 -4.62 -32.07 9.98
CA THR D 34 -3.47 -31.29 10.48
C THR D 34 -3.78 -29.79 10.37
N LEU D 35 -4.27 -29.35 9.20
CA LEU D 35 -4.62 -27.93 8.98
C LEU D 35 -5.63 -27.45 10.01
N ARG D 36 -6.63 -28.29 10.37
CA ARG D 36 -7.64 -27.95 11.38
C ARG D 36 -6.99 -27.73 12.74
N ARG D 37 -6.07 -28.64 13.13
CA ARG D 37 -5.38 -28.51 14.43
C ARG D 37 -4.47 -27.28 14.45
N LEU D 38 -3.82 -26.96 13.30
CA LEU D 38 -2.92 -25.80 13.17
C LEU D 38 -3.68 -24.49 13.30
N GLN D 39 -4.78 -24.32 12.54
CA GLN D 39 -5.55 -23.08 12.61
C GLN D 39 -6.14 -22.89 14.02
N ARG D 40 -6.78 -23.94 14.57
CA ARG D 40 -7.39 -23.82 15.89
C ARG D 40 -6.35 -23.40 16.96
N GLY D 41 -5.19 -24.06 16.97
CA GLY D 41 -4.11 -23.76 17.90
C GLY D 41 -3.53 -22.37 17.72
N HIS D 42 -3.39 -21.93 16.48
CA HIS D 42 -2.84 -20.61 16.16
C HIS D 42 -3.78 -19.50 16.63
N VAL D 43 -5.06 -19.57 16.24
CA VAL D 43 -6.07 -18.54 16.55
C VAL D 43 -6.24 -18.42 18.08
N LEU D 44 -6.25 -19.56 18.78
CA LEU D 44 -6.41 -19.53 20.24
C LEU D 44 -5.18 -19.02 21.02
N ASN D 45 -3.95 -19.28 20.54
CA ASN D 45 -2.74 -18.95 21.32
C ASN D 45 -1.91 -17.74 20.85
N ILE D 46 -1.83 -17.49 19.54
CA ILE D 46 -1.08 -16.34 19.02
C ILE D 46 -1.90 -15.11 19.30
N LYS D 47 -1.27 -14.14 19.98
CA LYS D 47 -1.97 -12.96 20.44
C LYS D 47 -2.21 -11.97 19.32
N TRP D 48 -3.24 -11.15 19.46
CA TRP D 48 -3.59 -10.19 18.41
C TRP D 48 -3.59 -8.77 18.97
N GLU D 49 -2.78 -7.87 18.37
CA GLU D 49 -2.65 -6.47 18.78
C GLU D 49 -1.87 -5.67 17.75
N ASN D 50 -1.99 -4.34 17.79
CA ASN D 50 -1.33 -3.41 16.86
C ASN D 50 -0.48 -2.37 17.58
N LEU D 51 -0.03 -2.65 18.84
CA LEU D 51 0.64 -1.66 19.67
C LEU D 51 1.96 -1.14 19.06
N ASP D 52 2.65 -1.95 18.20
CA ASP D 52 3.82 -1.49 17.48
C ASP D 52 3.47 -0.37 16.51
N ALA D 53 2.29 -0.44 15.85
CA ALA D 53 1.84 0.59 14.89
C ALA D 53 1.43 1.85 15.64
N VAL D 54 0.77 1.67 16.79
CA VAL D 54 0.34 2.79 17.62
C VAL D 54 1.58 3.51 18.19
N LEU D 55 2.56 2.76 18.73
CA LEU D 55 3.77 3.30 19.37
C LEU D 55 4.88 3.74 18.39
N HIS D 56 5.03 3.07 17.23
CA HIS D 56 6.16 3.36 16.34
C HIS D 56 5.82 3.53 14.83
N LYS D 57 4.53 3.37 14.42
CA LYS D 57 4.06 3.50 13.02
C LYS D 57 4.85 2.55 12.08
N HIS D 58 5.34 1.42 12.64
CA HIS D 58 6.16 0.41 11.95
C HIS D 58 6.00 -0.95 12.61
N VAL D 59 5.90 -1.98 11.76
CA VAL D 59 5.75 -3.38 12.17
C VAL D 59 6.71 -4.25 11.34
N ALA D 60 7.61 -5.00 11.98
CA ALA D 60 8.54 -5.92 11.31
C ALA D 60 7.80 -7.19 10.89
N LEU D 61 7.98 -7.60 9.63
CA LEU D 61 7.28 -8.79 9.11
C LEU D 61 8.24 -9.96 8.82
N ASP D 62 9.56 -9.78 8.98
CA ASP D 62 10.50 -10.88 8.73
C ASP D 62 10.34 -11.97 9.80
N ILE D 63 10.43 -13.27 9.40
CA ILE D 63 10.17 -14.43 10.27
C ILE D 63 10.97 -14.37 11.58
N PRO D 64 12.31 -14.13 11.59
CA PRO D 64 13.03 -14.08 12.88
C PRO D 64 12.44 -13.05 13.86
N ALA D 65 12.14 -11.83 13.40
CA ALA D 65 11.56 -10.80 14.26
C ALA D 65 10.14 -11.19 14.75
N VAL D 66 9.32 -11.78 13.87
CA VAL D 66 7.94 -12.14 14.19
C VAL D 66 7.90 -13.27 15.22
N GLN D 67 8.62 -14.39 15.00
CA GLN D 67 8.60 -15.54 15.93
C GLN D 67 9.21 -15.19 17.29
N ALA D 68 10.20 -14.28 17.34
CA ALA D 68 10.81 -13.83 18.60
C ALA D 68 9.80 -12.99 19.40
N LYS D 69 9.06 -12.09 18.72
CA LYS D 69 8.02 -11.28 19.38
C LYS D 69 6.82 -12.14 19.80
N LEU D 70 6.23 -12.89 18.86
CA LEU D 70 5.02 -13.70 19.09
C LEU D 70 5.20 -14.98 19.93
N LEU D 71 6.38 -15.61 19.90
CA LEU D 71 6.53 -16.85 20.65
C LEU D 71 7.43 -16.70 21.90
N ARG D 72 8.27 -15.64 21.97
CA ARG D 72 9.22 -15.51 23.09
C ARG D 72 9.04 -14.25 23.97
N SER D 73 8.00 -13.46 23.73
CA SER D 73 7.70 -12.31 24.57
C SER D 73 6.16 -12.21 24.80
N PRO D 74 5.69 -11.51 25.86
CA PRO D 74 4.22 -11.39 26.08
C PRO D 74 3.62 -10.36 25.13
N ARG D 75 3.61 -10.69 23.84
CA ARG D 75 3.15 -9.82 22.77
C ARG D 75 2.36 -10.57 21.71
N GLY D 76 1.58 -9.79 20.98
CA GLY D 76 0.81 -10.26 19.84
C GLY D 76 1.13 -9.46 18.60
N GLY D 77 0.43 -9.77 17.52
CA GLY D 77 0.64 -9.13 16.23
C GLY D 77 -0.64 -8.94 15.45
N TYR D 78 -0.60 -8.15 14.36
CA TYR D 78 -1.81 -7.98 13.56
C TYR D 78 -1.76 -8.92 12.33
N CYS D 79 -2.73 -8.82 11.39
CA CYS D 79 -2.89 -9.81 10.31
C CYS D 79 -1.60 -10.23 9.59
N TYR D 80 -0.74 -9.28 9.21
CA TYR D 80 0.44 -9.58 8.41
C TYR D 80 1.50 -10.31 9.20
N GLU D 81 1.52 -10.14 10.52
CA GLU D 81 2.47 -10.87 11.37
C GLU D 81 2.00 -12.32 11.49
N HIS D 82 0.68 -12.50 11.70
CA HIS D 82 0.01 -13.80 11.79
C HIS D 82 0.17 -14.58 10.47
N VAL D 83 -0.08 -13.92 9.33
CA VAL D 83 0.02 -14.56 8.00
C VAL D 83 1.49 -14.90 7.69
N ALA D 84 2.46 -14.04 8.09
CA ALA D 84 3.88 -14.37 7.89
C ALA D 84 4.19 -15.69 8.61
N LEU D 85 3.75 -15.80 9.88
CA LEU D 85 3.99 -16.98 10.70
C LEU D 85 3.27 -18.21 10.21
N PHE D 86 1.99 -18.09 9.88
CA PHE D 86 1.22 -19.25 9.44
C PHE D 86 1.67 -19.71 8.08
N GLY D 87 2.01 -18.76 7.21
CA GLY D 87 2.55 -19.01 5.88
C GLY D 87 3.83 -19.79 5.97
N ALA D 88 4.70 -19.42 6.92
CA ALA D 88 5.95 -20.12 7.16
C ALA D 88 5.70 -21.55 7.60
N VAL D 89 4.72 -21.78 8.50
CA VAL D 89 4.37 -23.13 8.98
C VAL D 89 3.84 -23.96 7.83
N LEU D 90 2.91 -23.40 7.01
CA LEU D 90 2.29 -24.12 5.88
C LEU D 90 3.37 -24.61 4.90
N GLN D 91 4.38 -23.76 4.65
CA GLN D 91 5.53 -24.04 3.79
C GLN D 91 6.37 -25.18 4.35
N ARG D 92 6.68 -25.16 5.67
CA ARG D 92 7.51 -26.18 6.31
C ARG D 92 6.86 -27.54 6.37
N LEU D 93 5.52 -27.58 6.52
CA LEU D 93 4.81 -28.85 6.64
C LEU D 93 4.43 -29.41 5.25
N GLY D 94 4.82 -28.71 4.20
CA GLY D 94 4.61 -29.13 2.81
C GLY D 94 3.22 -28.96 2.22
N PHE D 95 2.43 -28.00 2.74
CA PHE D 95 1.10 -27.74 2.17
C PHE D 95 1.22 -26.96 0.85
N ASP D 96 0.24 -27.16 -0.04
CA ASP D 96 0.08 -26.43 -1.31
C ASP D 96 -0.85 -25.25 -1.01
N PHE D 97 -0.30 -24.04 -0.93
CA PHE D 97 -1.08 -22.87 -0.53
C PHE D 97 -0.65 -21.60 -1.24
N TYR D 98 -1.43 -20.54 -1.05
CA TYR D 98 -1.15 -19.23 -1.62
C TYR D 98 -1.74 -18.15 -0.73
N GLY D 99 -1.20 -16.94 -0.87
CA GLY D 99 -1.64 -15.78 -0.14
C GLY D 99 -2.69 -15.02 -0.89
N ILE D 100 -3.62 -14.40 -0.14
CA ILE D 100 -4.66 -13.54 -0.70
C ILE D 100 -4.77 -12.29 0.17
N GLN D 101 -5.55 -11.31 -0.31
CA GLN D 101 -5.87 -10.07 0.38
C GLN D 101 -7.36 -9.85 0.39
N GLY D 102 -7.87 -9.39 1.53
CA GLY D 102 -9.27 -9.04 1.69
C GLY D 102 -9.49 -7.58 1.99
N ARG D 103 -10.70 -7.08 1.69
CA ARG D 103 -11.16 -5.70 1.96
C ARG D 103 -12.09 -5.76 3.17
N VAL D 104 -11.64 -5.25 4.34
CA VAL D 104 -12.43 -5.29 5.58
C VAL D 104 -13.51 -4.23 5.49
N GLN D 105 -14.76 -4.68 5.44
CA GLN D 105 -15.92 -3.81 5.26
C GLN D 105 -16.65 -3.52 6.55
N MET D 106 -16.85 -4.55 7.39
CA MET D 106 -17.63 -4.44 8.67
C MET D 106 -18.98 -3.76 8.41
N GLY D 107 -19.68 -4.22 7.37
CA GLY D 107 -21.00 -3.72 7.00
C GLY D 107 -21.08 -2.59 5.97
N ALA D 108 -19.99 -1.83 5.80
CA ALA D 108 -20.02 -0.68 4.90
C ALA D 108 -20.15 -1.10 3.41
N THR D 109 -20.88 -0.29 2.63
CA THR D 109 -21.05 -0.53 1.19
C THR D 109 -19.93 0.16 0.41
N THR D 110 -19.35 1.27 0.95
CA THR D 110 -18.23 1.97 0.32
C THR D 110 -17.00 1.03 0.35
N ILE D 111 -16.45 0.71 -0.83
CA ILE D 111 -15.30 -0.19 -0.96
C ILE D 111 -14.09 0.33 -0.16
N ARG D 112 -13.51 -0.55 0.67
CA ARG D 112 -12.32 -0.32 1.48
C ARG D 112 -11.09 -0.90 0.76
N PRO D 113 -9.84 -0.49 1.08
CA PRO D 113 -8.69 -1.10 0.37
C PRO D 113 -8.47 -2.53 0.85
N ALA D 114 -7.75 -3.31 0.02
CA ALA D 114 -7.49 -4.72 0.29
C ALA D 114 -6.32 -4.86 1.24
N THR D 115 -6.57 -4.62 2.54
CA THR D 115 -5.52 -4.62 3.55
C THR D 115 -5.70 -5.70 4.65
N HIS D 116 -6.30 -6.85 4.30
CA HIS D 116 -6.37 -7.96 5.25
C HIS D 116 -5.82 -9.22 4.60
N GLY D 117 -4.65 -9.67 5.05
CA GLY D 117 -4.01 -10.86 4.52
C GLY D 117 -4.62 -12.13 5.06
N MET D 118 -4.78 -13.14 4.18
CA MET D 118 -5.30 -14.49 4.49
C MET D 118 -4.57 -15.50 3.61
N LEU D 119 -4.71 -16.79 3.93
CA LEU D 119 -4.08 -17.86 3.18
C LEU D 119 -5.11 -18.87 2.71
N VAL D 120 -4.91 -19.41 1.50
CA VAL D 120 -5.83 -20.41 0.93
C VAL D 120 -5.01 -21.69 0.72
N VAL D 121 -5.51 -22.83 1.21
CA VAL D 121 -4.86 -24.14 1.12
C VAL D 121 -5.61 -25.03 0.12
N ARG D 122 -4.86 -25.68 -0.80
CA ARG D 122 -5.42 -26.60 -1.80
C ARG D 122 -5.25 -28.04 -1.31
N LEU D 123 -6.38 -28.76 -1.07
CA LEU D 123 -6.38 -30.15 -0.63
C LEU D 123 -7.36 -30.94 -1.49
N ALA D 124 -6.81 -31.94 -2.23
CA ALA D 124 -7.58 -32.80 -3.16
C ALA D 124 -8.38 -31.91 -4.15
N ALA D 125 -9.68 -32.15 -4.35
CA ALA D 125 -10.48 -31.35 -5.29
C ALA D 125 -10.99 -30.03 -4.65
N GLU D 126 -10.47 -29.64 -3.46
CA GLU D 126 -11.00 -28.50 -2.70
C GLU D 126 -9.99 -27.38 -2.33
N GLN D 127 -10.55 -26.24 -1.90
CA GLN D 127 -9.83 -25.07 -1.40
C GLN D 127 -10.34 -24.70 -0.02
N TRP D 128 -9.41 -24.39 0.90
CA TRP D 128 -9.75 -24.05 2.28
C TRP D 128 -9.25 -22.66 2.65
N LEU D 129 -10.16 -21.77 3.07
CA LEU D 129 -9.77 -20.42 3.50
C LEU D 129 -9.23 -20.49 4.93
N CYS D 130 -8.01 -19.99 5.14
CA CYS D 130 -7.40 -19.94 6.47
C CYS D 130 -7.25 -18.50 6.89
N ASP D 131 -8.33 -17.96 7.49
CA ASP D 131 -8.36 -16.57 7.99
C ASP D 131 -7.86 -16.59 9.43
N VAL D 132 -6.54 -16.68 9.59
CA VAL D 132 -5.91 -16.89 10.90
C VAL D 132 -5.56 -15.61 11.65
N GLY D 133 -5.49 -14.48 10.96
CA GLY D 133 -5.04 -13.24 11.61
C GLY D 133 -6.02 -12.09 11.68
N PHE D 134 -7.31 -12.37 11.84
CA PHE D 134 -8.34 -11.32 11.91
C PHE D 134 -8.58 -10.82 13.37
N GLY D 135 -8.09 -11.56 14.36
CA GLY D 135 -8.33 -11.23 15.78
C GLY D 135 -9.47 -12.10 16.24
N THR D 136 -10.74 -11.73 15.87
CA THR D 136 -11.90 -12.60 16.17
C THR D 136 -12.05 -13.57 14.98
N SER D 137 -10.96 -14.26 14.69
CA SER D 137 -10.84 -15.15 13.56
C SER D 137 -11.63 -16.43 13.64
N PRO D 138 -12.04 -17.01 12.49
CA PRO D 138 -12.60 -18.36 12.49
C PRO D 138 -11.60 -19.32 13.13
N LEU D 139 -12.10 -20.28 13.92
CA LEU D 139 -11.22 -21.22 14.63
C LEU D 139 -10.89 -22.40 13.76
N ALA D 140 -11.50 -22.47 12.57
CA ALA D 140 -11.26 -23.59 11.67
C ALA D 140 -11.16 -23.13 10.22
N PRO D 141 -10.42 -23.87 9.34
CA PRO D 141 -10.44 -23.52 7.91
C PRO D 141 -11.87 -23.61 7.40
N ILE D 142 -12.20 -22.81 6.41
CA ILE D 142 -13.53 -22.75 5.84
C ILE D 142 -13.45 -23.24 4.40
N ARG D 143 -14.26 -24.24 4.07
CA ARG D 143 -14.39 -24.81 2.72
C ARG D 143 -14.84 -23.74 1.76
N LEU D 144 -14.04 -23.47 0.74
CA LEU D 144 -14.40 -22.47 -0.25
C LEU D 144 -15.45 -23.06 -1.18
N VAL D 145 -16.69 -22.63 -0.96
CA VAL D 145 -17.88 -23.01 -1.74
C VAL D 145 -18.56 -21.72 -2.17
N ASP D 146 -19.50 -21.76 -3.13
CA ASP D 146 -20.17 -20.52 -3.57
C ASP D 146 -21.12 -19.92 -2.54
N GLU D 147 -21.64 -20.74 -1.62
CA GLU D 147 -22.50 -20.20 -0.56
C GLU D 147 -22.61 -21.22 0.56
N ALA D 148 -22.44 -20.76 1.83
CA ALA D 148 -22.57 -21.63 3.00
C ALA D 148 -22.74 -20.86 4.28
N VAL D 149 -23.50 -21.47 5.21
CA VAL D 149 -23.65 -21.06 6.61
C VAL D 149 -22.79 -22.07 7.37
N VAL D 150 -21.83 -21.56 8.13
CA VAL D 150 -20.85 -22.41 8.80
C VAL D 150 -20.86 -22.16 10.31
N ALA D 151 -21.01 -23.25 11.08
CA ALA D 151 -20.92 -23.15 12.52
C ALA D 151 -19.44 -23.27 12.92
N ASP D 152 -18.99 -22.38 13.78
CA ASP D 152 -17.62 -22.39 14.26
C ASP D 152 -17.69 -22.22 15.75
N GLU D 153 -17.90 -23.34 16.46
CA GLU D 153 -18.13 -23.34 17.91
C GLU D 153 -19.40 -22.47 18.20
N SER D 154 -19.35 -21.44 19.05
CA SER D 154 -20.57 -20.63 19.29
C SER D 154 -20.74 -19.51 18.26
N TRP D 155 -19.77 -19.36 17.34
CA TRP D 155 -19.79 -18.34 16.31
C TRP D 155 -20.41 -18.93 15.08
N THR D 156 -20.98 -18.07 14.22
CA THR D 156 -21.60 -18.48 12.96
C THR D 156 -21.12 -17.55 11.85
N TYR D 157 -20.72 -18.12 10.73
CA TYR D 157 -20.23 -17.37 9.58
C TYR D 157 -21.06 -17.70 8.34
N ARG D 158 -21.06 -16.77 7.39
CA ARG D 158 -21.71 -16.99 6.10
C ARG D 158 -20.74 -16.62 5.01
N LEU D 159 -20.57 -17.55 4.06
CA LEU D 159 -19.67 -17.37 2.92
C LEU D 159 -20.54 -17.30 1.67
N ARG D 160 -20.36 -16.25 0.86
CA ARG D 160 -21.18 -16.06 -0.34
C ARG D 160 -20.38 -15.43 -1.46
N ARG D 161 -20.27 -16.16 -2.57
CA ARG D 161 -19.61 -15.75 -3.80
C ARG D 161 -20.52 -14.79 -4.55
N GLY D 162 -19.91 -13.80 -5.19
CA GLY D 162 -20.64 -12.81 -5.99
C GLY D 162 -19.76 -11.74 -6.58
N GLU D 163 -20.40 -10.71 -7.17
CA GLU D 163 -19.68 -9.56 -7.71
C GLU D 163 -19.49 -8.63 -6.54
N VAL D 164 -18.52 -8.96 -5.67
CA VAL D 164 -18.24 -8.28 -4.41
C VAL D 164 -17.91 -6.80 -4.63
N THR D 165 -17.20 -6.51 -5.73
CA THR D 165 -16.83 -5.15 -6.14
C THR D 165 -17.05 -5.15 -7.64
N PRO D 166 -17.29 -4.02 -8.31
CA PRO D 166 -17.66 -4.09 -9.74
C PRO D 166 -16.65 -4.81 -10.66
N GLY D 167 -17.16 -5.77 -11.43
CA GLY D 167 -16.39 -6.59 -12.37
C GLY D 167 -15.56 -7.69 -11.73
N ALA D 168 -15.57 -7.78 -10.39
CA ALA D 168 -14.80 -8.81 -9.72
C ALA D 168 -15.65 -10.03 -9.41
N ASP D 169 -14.97 -11.14 -9.21
CA ASP D 169 -15.56 -12.42 -8.80
C ASP D 169 -14.91 -12.74 -7.49
N GLY D 170 -15.67 -12.68 -6.41
CA GLY D 170 -15.08 -12.91 -5.10
C GLY D 170 -16.10 -13.44 -4.12
N TRP D 171 -15.72 -13.46 -2.85
CA TRP D 171 -16.54 -13.95 -1.75
C TRP D 171 -16.67 -12.92 -0.67
N THR D 172 -17.80 -12.95 0.06
CA THR D 172 -17.97 -12.13 1.25
C THR D 172 -18.00 -13.09 2.42
N LEU D 173 -17.19 -12.85 3.45
CA LEU D 173 -17.27 -13.59 4.69
C LEU D 173 -18.02 -12.70 5.67
N SER D 174 -19.17 -13.19 6.20
CA SER D 174 -20.02 -12.42 7.12
C SER D 174 -20.11 -13.11 8.47
N GLU D 175 -20.32 -12.32 9.53
CA GLU D 175 -20.50 -12.90 10.87
C GLU D 175 -21.96 -12.77 11.21
N ALA D 176 -22.49 -13.67 12.04
CA ALA D 176 -23.88 -13.56 12.46
C ALA D 176 -24.10 -12.24 13.20
N ALA D 177 -25.18 -11.53 12.82
CA ALA D 177 -25.58 -10.23 13.34
C ALA D 177 -25.77 -10.26 14.87
N GLY D 178 -25.48 -9.12 15.51
CA GLY D 178 -25.59 -8.93 16.95
C GLY D 178 -24.80 -9.95 17.74
N ASP D 179 -23.56 -10.24 17.28
CA ASP D 179 -22.67 -11.22 17.90
C ASP D 179 -23.35 -12.61 18.02
N GLY D 180 -24.19 -12.94 17.07
CA GLY D 180 -24.92 -14.21 17.01
C GLY D 180 -26.28 -14.22 17.70
N SER D 181 -26.70 -13.09 18.27
CA SER D 181 -27.99 -13.04 18.97
C SER D 181 -29.15 -12.69 18.05
N GLU D 182 -28.88 -12.31 16.81
CA GLU D 182 -29.97 -11.89 15.94
C GLU D 182 -29.94 -12.61 14.60
N PRO D 183 -31.09 -12.72 13.89
CA PRO D 183 -31.01 -13.24 12.51
C PRO D 183 -30.31 -12.19 11.65
N GLY D 184 -29.82 -12.60 10.50
CA GLY D 184 -29.13 -11.68 9.62
C GLY D 184 -27.62 -11.80 9.71
N TRP D 185 -26.93 -11.08 8.84
CA TRP D 185 -25.48 -11.16 8.71
C TRP D 185 -24.85 -9.82 8.69
N LEU D 186 -23.60 -9.74 9.15
CA LEU D 186 -22.80 -8.52 9.05
C LEU D 186 -21.55 -8.85 8.22
N SER D 187 -21.39 -8.20 7.04
CA SER D 187 -20.19 -8.46 6.22
C SER D 187 -18.93 -8.12 7.00
N ARG D 188 -17.96 -9.05 7.04
CA ARG D 188 -16.67 -8.77 7.68
C ARG D 188 -15.74 -8.22 6.61
N HIS D 189 -15.47 -9.05 5.62
CA HIS D 189 -14.59 -8.68 4.51
C HIS D 189 -15.03 -9.34 3.22
N THR D 190 -14.48 -8.85 2.11
CA THR D 190 -14.62 -9.44 0.79
C THR D 190 -13.24 -9.82 0.31
N PHE D 191 -13.12 -10.90 -0.45
CA PHE D 191 -11.80 -11.27 -0.95
C PHE D 191 -11.92 -11.86 -2.34
N VAL D 192 -10.79 -11.85 -3.05
CA VAL D 192 -10.63 -12.44 -4.38
C VAL D 192 -9.44 -13.41 -4.26
N LEU D 193 -9.38 -14.40 -5.17
CA LEU D 193 -8.32 -15.40 -5.06
C LEU D 193 -7.01 -14.98 -5.74
N GLU D 194 -6.88 -13.74 -6.23
CA GLU D 194 -5.61 -13.31 -6.86
C GLU D 194 -4.45 -13.57 -5.91
N PRO D 195 -3.45 -14.40 -6.32
CA PRO D 195 -2.35 -14.70 -5.39
C PRO D 195 -1.58 -13.45 -4.99
N GLN D 196 -1.20 -13.41 -3.70
CA GLN D 196 -0.46 -12.33 -3.08
C GLN D 196 0.73 -12.90 -2.35
N TYR D 197 1.77 -12.11 -2.23
CA TYR D 197 3.06 -12.58 -1.72
C TYR D 197 3.54 -11.74 -0.54
N PRO D 198 4.56 -12.22 0.21
CA PRO D 198 5.11 -11.43 1.33
C PRO D 198 5.46 -9.98 0.96
N ILE D 199 6.01 -9.74 -0.27
CA ILE D 199 6.33 -8.38 -0.71
C ILE D 199 5.05 -7.47 -0.73
N ASP D 200 3.88 -8.03 -1.13
CA ASP D 200 2.61 -7.30 -1.17
C ASP D 200 2.15 -6.95 0.25
N TYR D 201 2.36 -7.88 1.16
CA TYR D 201 2.02 -7.70 2.57
C TYR D 201 2.87 -6.58 3.19
N ARG D 202 4.14 -6.42 2.78
CA ARG D 202 5.00 -5.34 3.28
C ARG D 202 4.50 -3.98 2.79
N ALA D 203 4.12 -3.90 1.51
CA ALA D 203 3.58 -2.68 0.90
C ALA D 203 2.26 -2.28 1.56
N ALA D 204 1.39 -3.28 1.81
CA ALA D 204 0.09 -3.10 2.48
C ALA D 204 0.28 -2.77 3.94
N SER D 205 1.17 -3.49 4.63
CA SER D 205 1.48 -3.26 6.05
C SER D 205 2.02 -1.84 6.28
N TYR D 206 2.83 -1.33 5.33
CA TYR D 206 3.34 0.05 5.42
C TYR D 206 2.16 1.03 5.56
N PHE D 207 1.12 0.90 4.71
CA PHE D 207 -0.09 1.74 4.73
C PHE D 207 -0.85 1.54 6.05
N VAL D 208 -1.14 0.27 6.41
CA VAL D 208 -1.89 -0.10 7.62
C VAL D 208 -1.20 0.45 8.91
N ALA D 209 0.14 0.37 9.00
CA ALA D 209 0.85 0.79 10.22
C ALA D 209 1.07 2.31 10.36
N SER D 210 1.16 3.08 9.24
CA SER D 210 1.45 4.51 9.36
C SER D 210 0.41 5.47 8.75
N SER D 211 -0.36 5.07 7.73
CA SER D 211 -1.31 5.99 7.09
C SER D 211 -2.39 6.52 8.06
N PRO D 212 -2.69 7.85 7.98
CA PRO D 212 -3.77 8.40 8.83
C PRO D 212 -5.16 7.93 8.37
N HIS D 213 -5.24 7.30 7.18
CA HIS D 213 -6.45 6.76 6.60
C HIS D 213 -6.60 5.27 6.97
N SER D 214 -5.73 4.77 7.87
CA SER D 214 -5.75 3.42 8.44
C SER D 214 -6.17 3.51 9.92
N PRO D 215 -7.28 2.83 10.33
CA PRO D 215 -7.71 2.92 11.74
C PRO D 215 -6.71 2.35 12.75
N PHE D 216 -5.93 1.33 12.32
CA PHE D 216 -4.96 0.62 13.16
C PHE D 216 -3.62 1.36 13.34
N SER D 217 -3.45 2.55 12.70
CA SER D 217 -2.20 3.28 12.83
C SER D 217 -2.09 4.13 14.09
N THR D 218 -3.21 4.71 14.58
CA THR D 218 -3.13 5.63 15.72
C THR D 218 -3.73 5.11 17.05
N ARG D 219 -4.69 4.18 17.02
CA ARG D 219 -5.33 3.75 18.26
C ARG D 219 -5.24 2.25 18.51
N ALA D 220 -5.03 1.86 19.79
CA ALA D 220 -4.89 0.50 20.27
C ALA D 220 -6.08 -0.35 19.90
N PHE D 221 -5.79 -1.55 19.36
CA PHE D 221 -6.80 -2.53 19.00
C PHE D 221 -6.24 -3.87 19.38
N VAL D 222 -6.85 -4.50 20.39
CA VAL D 222 -6.35 -5.79 20.91
C VAL D 222 -7.51 -6.78 20.89
N GLN D 223 -7.26 -8.03 20.45
CA GLN D 223 -8.39 -8.96 20.33
C GLN D 223 -8.04 -10.33 20.84
N GLN D 224 -9.07 -11.09 21.27
CA GLN D 224 -8.90 -12.47 21.72
C GLN D 224 -10.18 -13.21 21.46
N ILE D 225 -10.11 -14.43 20.94
CA ILE D 225 -11.32 -15.21 20.70
C ILE D 225 -11.15 -16.60 21.33
N SER D 226 -12.26 -17.15 21.81
CA SER D 226 -12.39 -18.47 22.41
C SER D 226 -13.58 -19.17 21.75
N PRO D 227 -13.79 -20.49 21.99
CA PRO D 227 -14.98 -21.15 21.42
C PRO D 227 -16.31 -20.53 21.86
N ASP D 228 -16.36 -19.97 23.09
CA ASP D 228 -17.63 -19.42 23.58
C ASP D 228 -17.46 -18.04 24.21
N HIS D 229 -16.48 -17.25 23.71
CA HIS D 229 -16.23 -15.92 24.25
C HIS D 229 -15.25 -15.13 23.42
N ALA D 230 -15.28 -13.79 23.56
CA ALA D 230 -14.28 -12.92 22.93
C ALA D 230 -14.13 -11.62 23.69
N TYR D 231 -12.96 -11.01 23.56
CA TYR D 231 -12.60 -9.72 24.11
C TYR D 231 -11.99 -8.88 23.03
N ILE D 232 -12.39 -7.61 22.98
CA ILE D 232 -11.85 -6.61 22.08
C ILE D 232 -11.57 -5.36 22.88
N LEU D 233 -10.32 -4.91 22.89
CA LEU D 233 -9.98 -3.62 23.49
C LEU D 233 -9.93 -2.61 22.34
N ASP D 234 -10.90 -1.69 22.32
CA ASP D 234 -10.97 -0.68 21.28
C ASP D 234 -10.49 0.61 21.93
N HIS D 235 -9.18 0.88 21.81
CA HIS D 235 -8.46 2.02 22.42
C HIS D 235 -8.50 1.85 23.97
N ARG D 236 -9.45 2.50 24.67
CA ARG D 236 -9.61 2.37 26.13
C ARG D 236 -10.95 1.69 26.49
N GLU D 237 -11.73 1.27 25.48
CA GLU D 237 -13.02 0.63 25.70
C GLU D 237 -12.87 -0.87 25.62
N LEU D 238 -13.19 -1.56 26.70
CA LEU D 238 -13.08 -3.02 26.73
C LEU D 238 -14.42 -3.61 26.40
N HIS D 239 -14.48 -4.37 25.30
CA HIS D 239 -15.68 -5.08 24.84
C HIS D 239 -15.59 -6.52 25.29
N GLU D 240 -16.63 -7.01 25.96
CA GLU D 240 -16.69 -8.42 26.36
C GLU D 240 -17.85 -9.04 25.61
N ILE D 241 -17.57 -10.00 24.71
CA ILE D 241 -18.57 -10.58 23.82
C ILE D 241 -18.93 -12.02 24.20
N GLN D 242 -20.24 -12.28 24.31
CA GLN D 242 -20.82 -13.60 24.57
C GLN D 242 -21.52 -14.03 23.28
N PRO D 243 -20.90 -14.90 22.47
CA PRO D 243 -21.51 -15.28 21.19
C PRO D 243 -22.91 -15.87 21.42
N GLY D 244 -23.87 -15.42 20.63
CA GLY D 244 -25.26 -15.86 20.77
C GLY D 244 -26.08 -15.00 21.72
N VAL D 245 -25.44 -14.10 22.46
CA VAL D 245 -26.12 -13.20 23.41
C VAL D 245 -25.89 -11.73 23.06
N GLY D 246 -24.62 -11.34 22.94
CA GLY D 246 -24.27 -9.95 22.67
C GLY D 246 -23.02 -9.52 23.41
N ARG D 247 -22.94 -8.23 23.73
CA ARG D 247 -21.75 -7.70 24.36
C ARG D 247 -22.04 -6.57 25.33
N LYS D 248 -21.08 -6.33 26.22
CA LYS D 248 -21.08 -5.24 27.18
C LYS D 248 -19.76 -4.50 27.00
N THR D 249 -19.75 -3.21 27.31
CA THR D 249 -18.57 -2.36 27.13
C THR D 249 -18.31 -1.53 28.38
N ARG D 250 -17.04 -1.29 28.65
CA ARG D 250 -16.63 -0.46 29.78
C ARG D 250 -15.35 0.29 29.44
N GLN D 251 -15.28 1.58 29.86
CA GLN D 251 -14.12 2.41 29.64
C GLN D 251 -13.10 2.14 30.74
N LEU D 252 -11.83 2.04 30.34
CA LEU D 252 -10.71 1.79 31.22
C LEU D 252 -9.85 3.03 31.35
N THR D 253 -9.26 3.23 32.52
CA THR D 253 -8.31 4.32 32.76
C THR D 253 -6.98 3.90 32.10
N PRO D 254 -6.04 4.83 31.80
CA PRO D 254 -4.74 4.41 31.23
C PRO D 254 -4.06 3.28 32.03
N ALA D 255 -4.13 3.33 33.38
CA ALA D 255 -3.55 2.29 34.23
C ALA D 255 -4.30 0.96 34.10
N GLU D 256 -5.66 1.00 34.02
CA GLU D 256 -6.46 -0.23 33.88
C GLU D 256 -6.20 -0.91 32.53
N VAL D 257 -5.88 -0.13 31.47
CA VAL D 257 -5.54 -0.68 30.15
C VAL D 257 -4.29 -1.56 30.31
N LEU D 258 -3.22 -1.04 30.96
CA LEU D 258 -2.00 -1.84 31.20
C LEU D 258 -2.33 -3.09 32.00
N ALA D 259 -3.19 -2.96 33.03
CA ALA D 259 -3.61 -4.10 33.86
C ALA D 259 -4.39 -5.13 33.03
N THR D 260 -5.40 -4.67 32.25
CA THR D 260 -6.24 -5.55 31.42
C THR D 260 -5.38 -6.23 30.35
N LEU D 261 -4.42 -5.50 29.76
CA LEU D 261 -3.51 -6.08 28.74
C LEU D 261 -2.77 -7.31 29.31
N ARG D 262 -2.28 -7.21 30.57
CA ARG D 262 -1.58 -8.31 31.23
C ARG D 262 -2.53 -9.43 31.68
N GLU D 263 -3.61 -9.08 32.41
CA GLU D 263 -4.52 -10.06 32.99
C GLU D 263 -5.44 -10.76 31.96
N ILE D 264 -6.07 -10.00 31.06
CA ILE D 264 -7.00 -10.59 30.09
C ILE D 264 -6.24 -11.08 28.85
N PHE D 265 -5.31 -10.27 28.34
CA PHE D 265 -4.69 -10.62 27.08
C PHE D 265 -3.29 -11.24 27.16
N GLY D 266 -2.64 -11.20 28.32
CA GLY D 266 -1.28 -11.72 28.49
C GLY D 266 -0.25 -10.88 27.74
N ILE D 267 -0.52 -9.57 27.59
CA ILE D 267 0.35 -8.65 26.88
C ILE D 267 1.01 -7.70 27.89
N GLU D 268 2.35 -7.61 27.83
CA GLU D 268 3.15 -6.73 28.67
C GLU D 268 4.24 -6.11 27.82
N LEU D 269 4.36 -4.78 27.91
CA LEU D 269 5.36 -4.03 27.16
C LEU D 269 6.56 -3.69 28.03
N GLY D 270 7.66 -3.28 27.38
CA GLY D 270 8.87 -2.84 28.05
C GLY D 270 8.58 -1.52 28.74
N ALA D 271 9.37 -1.18 29.78
CA ALA D 271 9.24 0.03 30.60
C ALA D 271 8.92 1.29 29.78
N ASP D 272 9.72 1.55 28.73
CA ASP D 272 9.60 2.73 27.85
C ASP D 272 8.35 2.69 26.97
N ASP D 273 8.00 1.51 26.42
CA ASP D 273 6.80 1.35 25.57
C ASP D 273 5.54 1.52 26.41
N SER D 274 5.58 1.01 27.66
CA SER D 274 4.53 1.14 28.67
C SER D 274 4.27 2.62 28.99
N THR D 275 5.36 3.43 29.11
CA THR D 275 5.32 4.87 29.37
C THR D 275 4.67 5.60 28.20
N LEU D 276 5.12 5.31 26.95
CA LEU D 276 4.61 5.92 25.73
C LEU D 276 3.17 5.49 25.46
N LEU D 277 2.77 4.25 25.80
CA LEU D 277 1.38 3.83 25.58
C LEU D 277 0.44 4.65 26.45
N LEU D 278 0.76 4.81 27.76
CA LEU D 278 0.00 5.60 28.72
C LEU D 278 -0.23 7.04 28.20
N GLU D 279 0.79 7.61 27.52
CA GLU D 279 0.76 8.94 26.89
C GLU D 279 -0.23 8.95 25.73
N ARG D 280 -0.19 7.91 24.85
CA ARG D 280 -1.13 7.76 23.72
C ARG D 280 -2.58 7.61 24.25
N LEU D 281 -2.73 6.89 25.39
CA LEU D 281 -4.01 6.65 26.05
C LEU D 281 -4.53 7.91 26.74
N ALA D 282 -3.65 8.66 27.43
CA ALA D 282 -4.00 9.92 28.09
C ALA D 282 -3.76 11.08 27.13
N GLU D 283 -4.53 11.10 26.03
CA GLU D 283 -4.52 12.10 24.98
C GLU D 283 -5.92 12.67 24.79
N GLN D 284 -6.00 13.95 24.36
CA GLN D 284 -7.29 14.63 24.16
C GLN D 284 -7.39 15.17 22.74
#